data_6BW3
#
_entry.id   6BW3
#
_cell.length_a   75.979
_cell.length_b   59.822
_cell.length_c   101.773
_cell.angle_alpha   90.00
_cell.angle_beta   94.55
_cell.angle_gamma   90.00
#
_symmetry.space_group_name_H-M   'P 1 21 1'
#
loop_
_entity.id
_entity.type
_entity.pdbx_description
1 polymer 'Histone-binding protein RBBP4'
2 polymer 'MDS1 and EVI1 complex locus protein MDS1'
3 non-polymer 'UNKNOWN ATOM OR ION'
4 water water
#
loop_
_entity_poly.entity_id
_entity_poly.type
_entity_poly.pdbx_seq_one_letter_code
_entity_poly.pdbx_strand_id
1 'polypeptide(L)'
;GSMADKEAAFDDAVEERVINEEYKIWKKNTPFLYDLVMTHALEWPSLTAQWLPDVTRPEGKDFSIHRLVLGTHTSDEQNH
LVIASVQLPNDDAQFDASHYDSEKGEFGGFGSVSGKIEIEIKINHEGEVNRARYMPQNPCIIATKTPSSDVLVFDYTKHP
SKPDPSGECNPDLRLRGHQKEGYGLSWNPNLSGHLLSASDDHTICLWDISAVPKEGKVVDAKTIFTGHTAVVEDVSWHLL
HESLFGSVADDQKLMIWDTRSNNTSKPSHSVDAHTAEVNCLSFNPYSEFILATGSADKTVALWDLRNLKLKLHSFESHKD
EIFQVQWSPHNETILASSGTDRRLNVWDLSKIGEEQSPEDAEDGPPELLFIHGGHTAKISDFSWNPNEPWVICSVSEDNI
MQVWQMAENIYNDEDPEGSVDPEGQGS
;
C,A
2 'polypeptide(L)' MRSKGRARKLAT B,D
#
loop_
_chem_comp.id
_chem_comp.type
_chem_comp.name
_chem_comp.formula
UNX non-polymer 'UNKNOWN ATOM OR ION' ?
#
# COMPACT_ATOMS: atom_id res chain seq x y z
N ASP A 12 -29.51 -8.85 39.53
CA ASP A 12 -29.10 -8.35 38.18
C ASP A 12 -29.67 -6.95 37.87
N ALA A 13 -28.88 -6.15 37.14
CA ALA A 13 -29.25 -4.80 36.62
C ALA A 13 -29.14 -3.56 37.56
N VAL A 14 -28.59 -3.75 38.75
CA VAL A 14 -28.15 -2.64 39.60
C VAL A 14 -26.82 -2.12 39.07
N GLU A 15 -25.95 -3.05 38.66
CA GLU A 15 -24.73 -2.75 37.89
C GLU A 15 -24.86 -1.61 36.87
N GLU A 16 -25.96 -1.61 36.11
CA GLU A 16 -26.25 -0.54 35.13
C GLU A 16 -26.27 0.87 35.78
N ARG A 17 -26.83 0.95 36.99
CA ARG A 17 -26.78 2.19 37.80
C ARG A 17 -25.35 2.55 38.23
N VAL A 18 -24.57 1.56 38.66
CA VAL A 18 -23.16 1.75 39.07
C VAL A 18 -22.29 2.25 37.91
N ILE A 19 -22.42 1.58 36.76
CA ILE A 19 -21.69 1.97 35.55
C ILE A 19 -22.06 3.37 35.06
N ASN A 20 -23.35 3.66 34.96
CA ASN A 20 -23.82 4.99 34.48
C ASN A 20 -23.52 6.15 35.45
N GLU A 21 -23.39 5.89 36.75
CA GLU A 21 -22.98 6.91 37.71
C GLU A 21 -21.48 7.19 37.59
N GLU A 22 -20.68 6.13 37.45
CA GLU A 22 -19.24 6.24 37.27
C GLU A 22 -18.86 6.92 35.95
N TYR A 23 -19.62 6.63 34.89
CA TYR A 23 -19.44 7.31 33.62
C TYR A 23 -19.75 8.81 33.70
N LYS A 24 -20.71 9.19 34.55
CA LYS A 24 -21.08 10.60 34.76
C LYS A 24 -19.97 11.37 35.46
N ILE A 25 -19.34 10.75 36.44
CA ILE A 25 -18.16 11.33 37.10
C ILE A 25 -16.99 11.43 36.11
N TRP A 26 -16.78 10.38 35.33
CA TRP A 26 -15.74 10.36 34.31
C TRP A 26 -15.93 11.50 33.27
N LYS A 27 -17.11 11.57 32.68
CA LYS A 27 -17.48 12.60 31.70
C LYS A 27 -17.18 14.03 32.25
N LYS A 28 -17.58 14.29 33.49
CA LYS A 28 -17.35 15.59 34.13
C LYS A 28 -15.88 15.93 34.33
N ASN A 29 -15.03 14.91 34.51
CA ASN A 29 -13.60 15.09 34.80
C ASN A 29 -12.67 15.07 33.59
N THR A 30 -13.17 14.75 32.40
CA THR A 30 -12.32 14.67 31.20
C THR A 30 -11.54 15.96 30.86
N PRO A 31 -12.09 17.16 31.15
CA PRO A 31 -11.30 18.36 30.90
C PRO A 31 -10.00 18.48 31.69
N PHE A 32 -9.86 17.81 32.83
CA PHE A 32 -8.59 17.84 33.56
C PHE A 32 -7.76 16.56 33.47
N LEU A 33 -8.33 15.49 32.93
CA LEU A 33 -7.64 14.19 32.80
C LEU A 33 -7.13 13.87 31.38
N TYR A 34 -7.65 14.58 30.38
CA TYR A 34 -7.32 14.28 28.99
C TYR A 34 -6.92 15.52 28.22
N ASP A 35 -5.99 15.36 27.27
CA ASP A 35 -5.75 16.40 26.25
C ASP A 35 -6.60 16.15 25.01
N LEU A 36 -7.13 14.94 24.88
CA LEU A 36 -8.06 14.62 23.80
C LEU A 36 -8.97 13.45 24.19
N VAL A 37 -10.27 13.62 23.93
CA VAL A 37 -11.26 12.54 24.01
C VAL A 37 -12.21 12.65 22.82
N MET A 38 -12.17 11.68 21.91
CA MET A 38 -13.14 11.57 20.82
C MET A 38 -13.89 10.25 21.03
N THR A 39 -15.22 10.33 21.08
CA THR A 39 -16.09 9.14 21.19
C THR A 39 -16.87 8.98 19.90
N HIS A 40 -16.91 7.75 19.40
CA HIS A 40 -17.65 7.42 18.17
C HIS A 40 -18.36 6.09 18.36
N ALA A 41 -19.62 6.06 17.98
CA ALA A 41 -20.43 4.86 18.04
C ALA A 41 -20.40 4.20 16.67
N LEU A 42 -19.81 3.02 16.59
CA LEU A 42 -19.85 2.24 15.35
C LEU A 42 -21.24 1.58 15.21
N GLU A 43 -21.59 1.22 13.97
CA GLU A 43 -22.87 0.58 13.68
C GLU A 43 -22.94 -0.78 14.36
N TRP A 44 -21.82 -1.50 14.28
CA TRP A 44 -21.60 -2.71 15.06
C TRP A 44 -20.31 -2.60 15.84
N PRO A 45 -20.19 -3.34 16.96
CA PRO A 45 -18.92 -3.33 17.69
C PRO A 45 -17.76 -3.88 16.90
N SER A 46 -16.56 -3.41 17.21
CA SER A 46 -15.33 -3.98 16.68
C SER A 46 -14.62 -4.77 17.79
N LEU A 47 -14.21 -5.98 17.45
CA LEU A 47 -13.34 -6.77 18.31
C LEU A 47 -11.86 -6.43 18.17
N THR A 48 -11.53 -5.59 17.19
CA THR A 48 -10.15 -5.36 16.77
C THR A 48 -9.89 -3.89 16.49
N ALA A 49 -8.66 -3.46 16.77
CA ALA A 49 -8.23 -2.10 16.44
C ALA A 49 -6.72 -2.05 16.24
N GLN A 50 -6.29 -1.44 15.14
CA GLN A 50 -4.86 -1.23 14.82
C GLN A 50 -4.74 0.00 13.94
N TRP A 51 -3.99 0.99 14.43
CA TRP A 51 -3.63 2.14 13.62
C TRP A 51 -2.80 1.68 12.44
N LEU A 52 -3.16 2.15 11.26
CA LEU A 52 -2.24 2.02 10.11
C LEU A 52 -1.05 3.01 10.32
N PRO A 53 0.11 2.73 9.71
CA PRO A 53 1.33 3.54 10.00
C PRO A 53 1.34 4.96 9.46
N ASP A 54 0.54 5.21 8.42
CA ASP A 54 0.60 6.48 7.73
C ASP A 54 -0.16 7.64 8.41
N VAL A 55 0.43 8.83 8.28
CA VAL A 55 -0.17 10.09 8.70
C VAL A 55 -0.02 11.07 7.53
N THR A 56 -1.04 11.89 7.33
CA THR A 56 -1.06 12.89 6.32
C THR A 56 -1.30 14.20 7.06
N ARG A 57 -0.53 15.25 6.71
CA ARG A 57 -0.59 16.53 7.40
C ARG A 57 -0.83 17.59 6.33
N PRO A 58 -2.08 17.71 5.82
CA PRO A 58 -2.30 18.57 4.66
C PRO A 58 -1.88 20.00 4.94
N GLU A 59 -1.18 20.62 3.98
CA GLU A 59 -0.70 22.00 4.11
C GLU A 59 -1.88 22.94 4.37
N GLY A 60 -1.70 23.81 5.35
CA GLY A 60 -2.67 24.88 5.63
C GLY A 60 -3.89 24.50 6.46
N LYS A 61 -3.95 23.24 6.92
CA LYS A 61 -5.07 22.76 7.74
C LYS A 61 -4.69 22.68 9.22
N ASP A 62 -5.69 22.52 10.09
CA ASP A 62 -5.51 22.47 11.55
C ASP A 62 -5.54 21.05 12.11
N PHE A 63 -5.36 20.04 11.26
CA PHE A 63 -5.49 18.66 11.65
C PHE A 63 -4.59 17.77 10.82
N SER A 64 -4.30 16.57 11.34
CA SER A 64 -3.71 15.49 10.57
C SER A 64 -4.69 14.33 10.38
N ILE A 65 -4.44 13.52 9.36
CA ILE A 65 -5.33 12.43 8.99
C ILE A 65 -4.61 11.12 9.19
N HIS A 66 -5.17 10.31 10.08
CA HIS A 66 -4.69 8.98 10.45
C HIS A 66 -5.74 7.95 10.08
N ARG A 67 -5.40 6.68 10.16
CA ARG A 67 -6.27 5.61 9.70
C ARG A 67 -6.18 4.39 10.59
N LEU A 68 -7.29 3.64 10.66
CA LEU A 68 -7.44 2.52 11.58
C LEU A 68 -7.98 1.31 10.84
N VAL A 69 -7.41 0.14 11.13
CA VAL A 69 -8.02 -1.11 10.75
C VAL A 69 -8.99 -1.51 11.86
N LEU A 70 -10.23 -1.71 11.47
CA LEU A 70 -11.30 -2.16 12.37
C LEU A 70 -12.01 -3.34 11.73
N GLY A 71 -12.92 -3.95 12.50
CA GLY A 71 -13.80 -4.98 11.99
C GLY A 71 -15.17 -4.79 12.57
N THR A 72 -16.10 -5.62 12.13
CA THR A 72 -17.43 -5.73 12.77
C THR A 72 -17.54 -7.03 13.55
N HIS A 73 -18.47 -7.00 14.49
CA HIS A 73 -19.03 -8.17 15.14
C HIS A 73 -20.53 -7.99 15.13
N THR A 74 -21.23 -8.78 14.32
CA THR A 74 -22.68 -8.67 14.23
C THR A 74 -23.32 -9.87 14.86
N SER A 75 -24.61 -9.79 15.06
CA SER A 75 -25.38 -10.94 15.47
C SER A 75 -26.27 -11.29 14.26
N ASP A 76 -25.81 -12.29 13.51
CA ASP A 76 -26.50 -12.81 12.34
C ASP A 76 -26.78 -11.72 11.28
N GLU A 77 -25.75 -10.96 10.92
CA GLU A 77 -25.80 -9.96 9.83
C GLU A 77 -24.46 -9.91 9.08
N GLN A 78 -24.44 -9.42 7.85
CA GLN A 78 -23.20 -9.41 7.08
C GLN A 78 -22.09 -8.62 7.83
N ASN A 79 -20.92 -9.24 8.03
CA ASN A 79 -19.78 -8.54 8.66
C ASN A 79 -18.88 -7.85 7.63
N HIS A 80 -18.06 -6.93 8.10
CA HIS A 80 -17.04 -6.30 7.24
C HIS A 80 -15.70 -6.11 7.95
N LEU A 81 -14.62 -6.22 7.18
CA LEU A 81 -13.31 -5.63 7.50
C LEU A 81 -13.41 -4.16 7.11
N VAL A 82 -12.94 -3.29 8.00
CA VAL A 82 -13.18 -1.85 7.90
C VAL A 82 -11.86 -1.08 8.00
N ILE A 83 -11.70 -0.09 7.12
CA ILE A 83 -10.66 0.92 7.28
C ILE A 83 -11.41 2.23 7.54
N ALA A 84 -11.05 2.88 8.65
CA ALA A 84 -11.61 4.18 9.01
C ALA A 84 -10.52 5.24 8.99
N SER A 85 -10.91 6.50 8.70
CA SER A 85 -10.03 7.64 8.87
C SER A 85 -10.40 8.42 10.12
N VAL A 86 -9.40 9.00 10.77
CA VAL A 86 -9.57 9.83 11.95
C VAL A 86 -8.80 11.11 11.72
N GLN A 87 -9.45 12.25 11.94
CA GLN A 87 -8.79 13.56 11.94
C GLN A 87 -8.44 13.94 13.37
N LEU A 88 -7.15 14.14 13.64
CA LEU A 88 -6.64 14.59 14.93
C LEU A 88 -6.12 16.01 14.78
N PRO A 89 -6.37 16.87 15.79
CA PRO A 89 -5.87 18.26 15.71
C PRO A 89 -4.34 18.37 15.89
N ASN A 90 -3.76 19.50 15.46
CA ASN A 90 -2.34 19.83 15.71
C ASN A 90 -2.22 20.82 16.88
N GLY A 115 -12.24 17.41 14.48
CA GLY A 115 -11.84 16.00 14.53
C GLY A 115 -12.98 15.04 14.25
N LYS A 116 -13.17 14.64 12.98
CA LYS A 116 -14.16 13.66 12.57
C LYS A 116 -13.57 12.26 12.45
N ILE A 117 -14.45 11.25 12.56
CA ILE A 117 -14.13 9.83 12.31
C ILE A 117 -15.05 9.37 11.18
N GLU A 118 -14.48 8.83 10.10
CA GLU A 118 -15.22 8.38 8.92
C GLU A 118 -14.77 6.98 8.47
N ILE A 119 -15.71 6.21 7.92
CA ILE A 119 -15.41 4.90 7.36
C ILE A 119 -15.02 5.08 5.91
N GLU A 120 -13.80 4.71 5.54
CA GLU A 120 -13.31 4.81 4.17
C GLU A 120 -13.67 3.62 3.31
N ILE A 121 -13.64 2.42 3.87
CA ILE A 121 -13.93 1.19 3.10
C ILE A 121 -14.44 0.07 3.99
N LYS A 122 -15.39 -0.69 3.44
CA LYS A 122 -15.87 -1.93 4.03
C LYS A 122 -15.74 -3.04 2.98
N ILE A 123 -15.08 -4.12 3.39
CA ILE A 123 -14.91 -5.33 2.58
C ILE A 123 -15.69 -6.48 3.24
N ASN A 124 -16.43 -7.23 2.41
CA ASN A 124 -17.26 -8.35 2.87
C ASN A 124 -16.37 -9.35 3.62
N HIS A 125 -16.82 -9.72 4.82
CA HIS A 125 -16.10 -10.65 5.65
C HIS A 125 -17.07 -11.75 6.15
N GLU A 126 -16.60 -13.00 6.11
CA GLU A 126 -17.36 -14.18 6.50
C GLU A 126 -17.22 -14.36 8.02
N GLY A 127 -18.27 -13.95 8.73
CA GLY A 127 -18.29 -13.96 10.17
C GLY A 127 -17.63 -12.73 10.72
N GLU A 128 -17.78 -12.54 12.03
CA GLU A 128 -17.14 -11.41 12.72
C GLU A 128 -15.61 -11.45 12.59
N VAL A 129 -15.00 -10.27 12.71
CA VAL A 129 -13.57 -10.14 12.55
C VAL A 129 -12.98 -10.28 13.97
N ASN A 130 -12.45 -11.46 14.26
CA ASN A 130 -11.87 -11.74 15.59
C ASN A 130 -10.66 -10.84 15.82
N ARG A 131 -9.85 -10.68 14.76
CA ARG A 131 -8.64 -9.87 14.80
C ARG A 131 -8.22 -9.51 13.37
N ALA A 132 -7.71 -8.31 13.17
CA ALA A 132 -7.18 -7.88 11.87
C ALA A 132 -5.87 -7.14 12.10
N ARG A 133 -4.83 -7.50 11.33
CA ARG A 133 -3.48 -6.91 11.46
C ARG A 133 -2.83 -6.66 10.10
N TYR A 134 -2.29 -5.46 9.88
CA TYR A 134 -1.64 -5.10 8.59
C TYR A 134 -0.21 -5.64 8.53
N MET A 135 0.26 -5.93 7.32
CA MET A 135 1.59 -6.46 7.09
C MET A 135 2.55 -5.26 7.01
N PRO A 136 3.55 -5.17 7.94
CA PRO A 136 4.50 -4.05 8.01
C PRO A 136 5.20 -3.73 6.69
N GLN A 137 5.59 -4.76 5.94
CA GLN A 137 6.29 -4.57 4.67
C GLN A 137 5.35 -4.22 3.50
N ASN A 138 4.03 -4.34 3.68
CA ASN A 138 3.05 -3.80 2.69
C ASN A 138 1.71 -3.65 3.40
N PRO A 139 1.46 -2.44 3.95
CA PRO A 139 0.30 -2.25 4.82
C PRO A 139 -1.06 -2.23 4.10
N CYS A 140 -1.09 -2.43 2.77
CA CYS A 140 -2.33 -2.79 2.07
C CYS A 140 -2.78 -4.23 2.36
N ILE A 141 -1.85 -5.10 2.78
CA ILE A 141 -2.13 -6.49 3.06
C ILE A 141 -2.59 -6.66 4.51
N ILE A 142 -3.83 -7.13 4.67
CA ILE A 142 -4.41 -7.30 6.02
C ILE A 142 -4.80 -8.75 6.21
N ALA A 143 -4.36 -9.33 7.34
CA ALA A 143 -4.77 -10.68 7.71
C ALA A 143 -5.90 -10.54 8.70
N THR A 144 -6.84 -11.47 8.62
CA THR A 144 -7.95 -11.59 9.59
C THR A 144 -8.19 -13.01 10.11
N LYS A 145 -8.74 -13.06 11.32
CA LYS A 145 -9.19 -14.29 11.96
C LYS A 145 -10.73 -14.37 11.92
N THR A 146 -11.25 -15.47 11.38
CA THR A 146 -12.70 -15.66 11.24
C THR A 146 -13.24 -16.66 12.28
N PRO A 147 -14.57 -16.74 12.48
CA PRO A 147 -15.13 -17.79 13.33
C PRO A 147 -14.98 -19.21 12.80
N SER A 148 -14.78 -19.38 11.49
CA SER A 148 -14.32 -20.64 10.94
C SER A 148 -12.81 -20.79 11.23
N SER A 149 -12.26 -21.95 10.89
CA SER A 149 -10.82 -22.14 11.12
C SER A 149 -9.91 -21.28 10.23
N ASP A 150 -10.47 -20.79 9.10
CA ASP A 150 -9.73 -19.98 8.14
C ASP A 150 -9.19 -18.66 8.67
N VAL A 151 -7.95 -18.40 8.24
CA VAL A 151 -7.33 -17.09 8.37
C VAL A 151 -7.35 -16.49 6.96
N LEU A 152 -7.84 -15.26 6.84
CA LEU A 152 -7.96 -14.64 5.55
C LEU A 152 -6.91 -13.56 5.33
N VAL A 153 -6.52 -13.38 4.08
CA VAL A 153 -5.65 -12.27 3.67
C VAL A 153 -6.35 -11.43 2.61
N PHE A 154 -6.47 -10.13 2.90
CA PHE A 154 -7.00 -9.16 1.96
C PHE A 154 -5.93 -8.14 1.59
N ASP A 155 -5.77 -7.88 0.30
CA ASP A 155 -5.16 -6.64 -0.15
C ASP A 155 -6.30 -5.65 -0.29
N TYR A 156 -6.44 -4.71 0.64
CA TYR A 156 -7.59 -3.78 0.57
C TYR A 156 -7.69 -2.88 -0.65
N THR A 157 -6.64 -2.76 -1.46
CA THR A 157 -6.69 -1.96 -2.69
C THR A 157 -7.28 -2.75 -3.88
N LYS A 158 -7.49 -4.06 -3.71
CA LYS A 158 -8.08 -4.90 -4.74
C LYS A 158 -9.57 -5.16 -4.53
N HIS A 159 -10.26 -4.33 -3.74
CA HIS A 159 -11.68 -4.52 -3.43
C HIS A 159 -12.46 -3.24 -3.68
N PRO A 160 -13.74 -3.35 -4.08
CA PRO A 160 -14.43 -2.11 -4.44
C PRO A 160 -14.67 -1.15 -3.27
N SER A 161 -15.08 0.08 -3.58
CA SER A 161 -15.35 1.14 -2.60
C SER A 161 -16.53 0.76 -1.71
N LYS A 162 -17.64 0.48 -2.39
CA LYS A 162 -18.84 -0.09 -1.76
C LYS A 162 -18.72 -1.62 -1.71
N PRO A 163 -18.97 -2.26 -0.57
CA PRO A 163 -19.02 -3.74 -0.58
C PRO A 163 -20.13 -4.33 -1.46
N ASP A 164 -19.83 -5.47 -2.09
CA ASP A 164 -20.81 -6.09 -3.00
C ASP A 164 -22.03 -6.54 -2.16
N PRO A 165 -23.26 -6.13 -2.56
CA PRO A 165 -24.42 -6.44 -1.73
C PRO A 165 -24.80 -7.93 -1.71
N SER A 166 -24.32 -8.69 -2.70
CA SER A 166 -24.37 -10.17 -2.65
C SER A 166 -23.82 -10.74 -1.32
N GLY A 167 -22.86 -10.05 -0.72
CA GLY A 167 -22.29 -10.44 0.55
C GLY A 167 -21.12 -11.40 0.46
N GLU A 168 -20.77 -11.85 -0.76
CA GLU A 168 -19.74 -12.86 -0.93
C GLU A 168 -18.37 -12.34 -0.42
N CYS A 169 -17.70 -13.18 0.38
CA CYS A 169 -16.36 -12.90 0.83
C CYS A 169 -15.40 -13.46 -0.20
N ASN A 170 -14.60 -12.59 -0.82
CA ASN A 170 -13.57 -13.03 -1.78
C ASN A 170 -12.22 -12.62 -1.18
N PRO A 171 -11.70 -13.43 -0.24
CA PRO A 171 -10.33 -13.14 0.22
C PRO A 171 -9.28 -13.38 -0.86
N ASP A 172 -8.18 -12.65 -0.76
CA ASP A 172 -7.08 -12.82 -1.68
C ASP A 172 -6.26 -14.09 -1.41
N LEU A 173 -6.18 -14.50 -0.14
CA LEU A 173 -5.72 -15.87 0.21
C LEU A 173 -6.58 -16.48 1.32
N ARG A 174 -6.74 -17.78 1.28
CA ARG A 174 -7.32 -18.55 2.41
C ARG A 174 -6.21 -19.39 3.00
N LEU A 175 -5.93 -19.17 4.27
CA LEU A 175 -4.85 -19.85 4.95
C LEU A 175 -5.43 -20.97 5.80
N ARG A 176 -5.11 -22.21 5.39
CA ARG A 176 -5.61 -23.44 5.99
C ARG A 176 -4.58 -23.99 6.94
N GLY A 177 -5.05 -24.80 7.89
CA GLY A 177 -4.19 -25.41 8.90
C GLY A 177 -4.88 -25.60 10.24
N HIS A 178 -5.72 -24.65 10.64
CA HIS A 178 -6.45 -24.74 11.89
C HIS A 178 -7.74 -25.59 11.75
N GLN A 179 -8.22 -26.09 12.90
CA GLN A 179 -9.48 -26.78 13.01
C GLN A 179 -10.52 -25.95 13.78
N LYS A 180 -10.10 -24.88 14.45
CA LYS A 180 -11.00 -24.01 15.20
C LYS A 180 -10.57 -22.56 15.04
N GLU A 181 -11.46 -21.64 15.39
CA GLU A 181 -11.17 -20.22 15.42
C GLU A 181 -10.13 -19.84 16.45
N GLY A 182 -9.71 -18.59 16.38
CA GLY A 182 -8.80 -18.00 17.32
C GLY A 182 -8.70 -16.50 17.25
N TYR A 183 -7.69 -15.99 17.94
CA TYR A 183 -7.43 -14.56 18.06
C TYR A 183 -6.02 -14.18 17.69
N GLY A 184 -5.01 -14.82 18.28
CA GLY A 184 -3.63 -14.47 18.01
C GLY A 184 -3.25 -14.39 16.53
N LEU A 185 -2.62 -13.29 16.13
CA LEU A 185 -2.25 -13.06 14.73
C LEU A 185 -1.06 -12.14 14.71
N SER A 186 0.03 -12.54 14.06
CA SER A 186 1.26 -11.74 14.06
C SER A 186 2.03 -11.83 12.76
N TRP A 187 2.32 -10.70 12.14
CA TRP A 187 3.22 -10.67 10.98
C TRP A 187 4.68 -10.50 11.42
N ASN A 188 5.58 -11.23 10.77
CA ASN A 188 7.02 -11.13 11.05
C ASN A 188 7.55 -9.82 10.49
N PRO A 189 8.04 -8.90 11.37
CA PRO A 189 8.62 -7.64 10.86
C PRO A 189 9.97 -7.77 10.19
N ASN A 190 10.60 -8.95 10.22
CA ASN A 190 11.92 -9.18 9.63
C ASN A 190 11.94 -10.19 8.49
N LEU A 191 10.80 -10.82 8.20
CA LEU A 191 10.66 -11.72 7.07
C LEU A 191 9.29 -11.46 6.47
N SER A 192 9.29 -10.75 5.35
CA SER A 192 8.07 -10.40 4.63
C SER A 192 7.14 -11.63 4.39
N GLY A 193 5.90 -11.52 4.82
CA GLY A 193 4.89 -12.53 4.53
C GLY A 193 4.80 -13.77 5.42
N HIS A 194 5.59 -13.80 6.51
CA HIS A 194 5.56 -14.91 7.44
C HIS A 194 4.55 -14.51 8.53
N LEU A 195 3.44 -15.25 8.56
CA LEU A 195 2.33 -14.97 9.45
C LEU A 195 2.18 -16.08 10.46
N LEU A 196 2.02 -15.71 11.73
CA LEU A 196 1.70 -16.66 12.82
C LEU A 196 0.27 -16.47 13.25
N SER A 197 -0.34 -17.56 13.68
CA SER A 197 -1.72 -17.55 14.13
C SER A 197 -1.95 -18.55 15.26
N ALA A 198 -2.69 -18.13 16.28
CA ALA A 198 -3.06 -18.98 17.42
C ALA A 198 -4.53 -19.33 17.40
N SER A 199 -4.88 -20.54 17.83
CA SER A 199 -6.26 -21.05 17.73
C SER A 199 -6.72 -21.79 18.98
N ASP A 200 -8.04 -21.92 19.10
CA ASP A 200 -8.68 -22.74 20.09
C ASP A 200 -8.45 -24.23 19.91
N ASP A 201 -7.95 -24.65 18.74
CA ASP A 201 -7.54 -26.05 18.50
C ASP A 201 -6.21 -26.48 19.17
N HIS A 202 -5.64 -25.62 20.02
CA HIS A 202 -4.41 -25.90 20.77
C HIS A 202 -3.12 -25.69 19.95
N THR A 203 -3.22 -25.17 18.73
CA THR A 203 -2.07 -25.11 17.83
C THR A 203 -1.76 -23.69 17.44
N ILE A 204 -0.51 -23.49 17.01
CA ILE A 204 -0.05 -22.28 16.33
C ILE A 204 0.34 -22.65 14.91
N CYS A 205 -0.21 -21.93 13.92
CA CYS A 205 0.14 -22.18 12.51
C CYS A 205 1.06 -21.07 11.97
N LEU A 206 1.99 -21.48 11.11
CA LEU A 206 2.88 -20.58 10.37
C LEU A 206 2.61 -20.70 8.87
N TRP A 207 2.35 -19.58 8.20
CA TRP A 207 2.36 -19.54 6.75
C TRP A 207 3.40 -18.55 6.20
N ASP A 208 3.94 -18.92 5.04
CA ASP A 208 4.74 -18.04 4.21
C ASP A 208 3.91 -17.73 2.96
N ILE A 209 3.25 -16.57 2.94
CA ILE A 209 2.38 -16.23 1.81
C ILE A 209 3.12 -15.87 0.52
N SER A 210 4.42 -15.55 0.61
CA SER A 210 5.24 -15.22 -0.56
C SER A 210 5.35 -16.40 -1.55
N ALA A 211 4.20 -16.82 -2.09
CA ALA A 211 4.01 -18.04 -2.89
C ALA A 211 3.99 -19.32 -2.04
N GLY A 216 -7.77 -16.13 -5.33
CA GLY A 216 -8.15 -16.45 -3.94
C GLY A 216 -7.75 -17.86 -3.49
N LYS A 217 -6.54 -18.25 -3.87
CA LYS A 217 -6.04 -19.62 -3.64
C LYS A 217 -5.86 -19.96 -2.16
N VAL A 218 -5.61 -21.24 -1.92
CA VAL A 218 -5.56 -21.81 -0.59
C VAL A 218 -4.11 -22.20 -0.31
N VAL A 219 -3.59 -21.68 0.80
CA VAL A 219 -2.25 -22.01 1.26
C VAL A 219 -2.36 -22.83 2.54
N ASP A 220 -1.75 -24.01 2.52
CA ASP A 220 -1.61 -24.81 3.73
C ASP A 220 -0.44 -24.30 4.57
N ALA A 221 -0.51 -24.58 5.88
CA ALA A 221 0.47 -24.10 6.82
C ALA A 221 1.83 -24.72 6.53
N LYS A 222 2.86 -23.87 6.53
CA LYS A 222 4.23 -24.35 6.47
C LYS A 222 4.58 -25.23 7.67
N THR A 223 4.22 -24.76 8.86
CA THR A 223 4.61 -25.42 10.11
C THR A 223 3.48 -25.24 11.12
N ILE A 224 3.19 -26.29 11.89
CA ILE A 224 2.20 -26.25 12.97
C ILE A 224 2.91 -26.60 14.29
N PHE A 225 2.76 -25.73 15.29
CA PHE A 225 3.44 -25.91 16.56
C PHE A 225 2.39 -26.38 17.58
N THR A 226 2.67 -27.50 18.23
CA THR A 226 1.66 -28.24 19.00
C THR A 226 2.00 -28.35 20.50
N GLY A 227 2.81 -27.43 21.01
CA GLY A 227 3.30 -27.52 22.37
C GLY A 227 2.29 -27.24 23.45
N HIS A 228 1.34 -26.35 23.19
CA HIS A 228 0.30 -26.09 24.17
C HIS A 228 -0.70 -27.26 24.21
N THR A 229 -1.32 -27.41 25.38
CA THR A 229 -2.28 -28.47 25.67
C THR A 229 -3.68 -27.88 25.88
N ALA A 230 -3.89 -26.62 25.47
CA ALA A 230 -5.16 -25.93 25.65
C ALA A 230 -5.25 -24.80 24.65
N VAL A 231 -6.41 -24.13 24.62
CA VAL A 231 -6.64 -22.99 23.72
C VAL A 231 -5.44 -22.05 23.74
N VAL A 232 -4.85 -21.77 22.57
CA VAL A 232 -3.74 -20.80 22.45
C VAL A 232 -4.36 -19.44 22.15
N GLU A 233 -4.23 -18.50 23.06
CA GLU A 233 -4.89 -17.19 23.00
C GLU A 233 -4.15 -16.16 22.16
N ASP A 234 -2.82 -16.21 22.15
CA ASP A 234 -2.04 -15.18 21.48
C ASP A 234 -0.67 -15.68 21.06
N VAL A 235 -0.13 -14.98 20.06
CA VAL A 235 1.14 -15.29 19.47
C VAL A 235 1.76 -14.00 18.97
N SER A 236 3.08 -13.89 19.06
CA SER A 236 3.75 -12.70 18.62
C SER A 236 5.18 -12.97 18.25
N TRP A 237 5.60 -12.48 17.07
CA TRP A 237 7.01 -12.53 16.70
C TRP A 237 7.85 -11.61 17.59
N HIS A 238 9.10 -11.99 17.85
CA HIS A 238 10.10 -11.04 18.34
C HIS A 238 10.31 -9.93 17.28
N LEU A 239 10.56 -8.72 17.76
CA LEU A 239 10.71 -7.56 16.89
C LEU A 239 12.08 -7.50 16.22
N LEU A 240 13.09 -8.14 16.80
CA LEU A 240 14.44 -8.16 16.26
C LEU A 240 14.92 -9.48 15.68
N HIS A 241 14.58 -10.60 16.30
CA HIS A 241 15.15 -11.88 15.90
C HIS A 241 14.11 -12.62 15.06
N GLU A 242 14.37 -12.68 13.76
CA GLU A 242 13.43 -13.25 12.78
C GLU A 242 12.94 -14.68 13.05
N SER A 243 13.68 -15.44 13.87
CA SER A 243 13.32 -16.82 14.22
C SER A 243 12.53 -17.00 15.52
N LEU A 244 12.47 -15.99 16.39
CA LEU A 244 11.90 -16.12 17.72
C LEU A 244 10.47 -15.61 17.79
N PHE A 245 9.58 -16.39 18.41
CA PHE A 245 8.25 -15.93 18.76
C PHE A 245 7.78 -16.47 20.10
N GLY A 246 6.73 -15.81 20.60
CA GLY A 246 6.11 -16.19 21.85
C GLY A 246 4.67 -16.54 21.66
N SER A 247 4.18 -17.49 22.48
CA SER A 247 2.80 -17.83 22.58
C SER A 247 2.37 -17.93 24.04
N VAL A 248 1.09 -17.69 24.25
CA VAL A 248 0.46 -17.82 25.54
C VAL A 248 -0.89 -18.54 25.39
N ALA A 249 -1.26 -19.30 26.41
CA ALA A 249 -2.41 -20.22 26.32
C ALA A 249 -3.19 -20.36 27.60
N ASP A 250 -4.36 -21.03 27.50
CA ASP A 250 -5.18 -21.38 28.65
C ASP A 250 -4.55 -22.43 29.56
N ASP A 251 -3.50 -23.12 29.11
CA ASP A 251 -2.68 -23.98 30.00
C ASP A 251 -1.82 -23.17 31.01
N GLN A 252 -1.98 -21.84 31.04
CA GLN A 252 -1.29 -20.94 31.98
C GLN A 252 0.19 -20.68 31.60
N LYS A 253 0.58 -21.11 30.39
CA LYS A 253 1.97 -21.11 29.99
C LYS A 253 2.31 -20.00 29.00
N LEU A 254 3.48 -19.42 29.23
CA LEU A 254 4.21 -18.63 28.21
C LEU A 254 5.24 -19.55 27.58
N MET A 255 5.19 -19.67 26.25
CA MET A 255 6.17 -20.48 25.51
C MET A 255 6.97 -19.65 24.50
N ILE A 256 8.28 -19.90 24.43
CA ILE A 256 9.19 -19.22 23.52
C ILE A 256 9.66 -20.20 22.46
N TRP A 257 9.42 -19.86 21.20
CA TRP A 257 9.68 -20.75 20.08
C TRP A 257 10.79 -20.21 19.18
N ASP A 258 11.47 -21.12 18.50
CA ASP A 258 12.47 -20.83 17.50
C ASP A 258 12.15 -21.59 16.23
N THR A 259 11.93 -20.88 15.11
CA THR A 259 11.59 -21.56 13.84
C THR A 259 12.71 -22.46 13.26
N ARG A 260 13.95 -22.28 13.71
CA ARG A 260 15.05 -23.16 13.27
C ARG A 260 15.09 -24.52 13.95
N SER A 261 14.29 -24.70 15.00
CA SER A 261 14.24 -25.98 15.72
C SER A 261 13.45 -27.00 14.91
N ASN A 262 13.98 -28.21 14.80
CA ASN A 262 13.27 -29.32 14.16
C ASN A 262 12.08 -29.86 14.96
N ASN A 263 12.00 -29.57 16.26
CA ASN A 263 10.95 -30.08 17.14
C ASN A 263 9.83 -29.05 17.32
N THR A 264 8.75 -29.25 16.58
CA THR A 264 7.59 -28.37 16.63
C THR A 264 6.57 -28.74 17.73
N SER A 265 6.81 -29.82 18.48
CA SER A 265 5.97 -30.15 19.62
C SER A 265 6.49 -29.63 20.97
N LYS A 266 7.73 -29.10 21.01
CA LYS A 266 8.36 -28.68 22.26
C LYS A 266 9.04 -27.32 22.04
N PRO A 267 8.65 -26.28 22.82
CA PRO A 267 9.25 -24.95 22.64
C PRO A 267 10.70 -24.89 23.19
N SER A 268 11.41 -23.79 22.93
CA SER A 268 12.74 -23.57 23.53
C SER A 268 12.63 -23.35 25.02
N HIS A 269 11.61 -22.60 25.43
CA HIS A 269 11.35 -22.33 26.85
C HIS A 269 9.87 -22.42 27.15
N SER A 270 9.55 -22.90 28.34
CA SER A 270 8.17 -23.07 28.80
C SER A 270 8.06 -22.59 30.21
N VAL A 271 7.19 -21.61 30.43
CA VAL A 271 7.11 -20.87 31.68
C VAL A 271 5.68 -21.01 32.21
N ASP A 272 5.56 -21.40 33.47
CA ASP A 272 4.33 -21.30 34.21
C ASP A 272 4.13 -19.84 34.62
N ALA A 273 3.33 -19.12 33.86
CA ALA A 273 3.32 -17.65 33.88
C ALA A 273 2.31 -17.01 34.80
N HIS A 274 1.18 -17.68 34.98
CA HIS A 274 0.03 -17.10 35.69
C HIS A 274 -0.76 -18.21 36.34
N THR A 275 -1.68 -17.81 37.21
CA THR A 275 -2.56 -18.73 37.93
C THR A 275 -3.92 -18.91 37.24
N ALA A 276 -4.03 -18.43 35.99
CA ALA A 276 -5.21 -18.68 35.16
C ALA A 276 -4.81 -18.47 33.71
N GLU A 277 -5.79 -18.40 32.83
CA GLU A 277 -5.57 -18.29 31.39
C GLU A 277 -4.68 -17.09 31.07
N VAL A 278 -3.79 -17.26 30.09
CA VAL A 278 -2.94 -16.17 29.60
C VAL A 278 -3.45 -15.80 28.23
N ASN A 279 -3.98 -14.57 28.14
CA ASN A 279 -4.72 -14.11 26.96
C ASN A 279 -3.94 -13.29 25.97
N CYS A 280 -2.80 -12.71 26.37
CA CYS A 280 -2.05 -11.79 25.52
C CYS A 280 -0.58 -11.69 25.90
N LEU A 281 0.26 -11.38 24.91
CA LEU A 281 1.66 -11.04 25.15
C LEU A 281 2.09 -9.93 24.25
N SER A 282 3.17 -9.26 24.63
CA SER A 282 3.72 -8.19 23.83
C SER A 282 5.22 -7.99 24.17
N PHE A 283 6.08 -8.01 23.14
CA PHE A 283 7.52 -7.78 23.30
C PHE A 283 7.81 -6.31 23.37
N ASN A 284 8.70 -5.90 24.29
CA ASN A 284 9.09 -4.49 24.48
C ASN A 284 9.92 -4.06 23.24
N PRO A 285 9.50 -2.99 22.53
CA PRO A 285 10.20 -2.65 21.28
C PRO A 285 11.57 -2.03 21.43
N TYR A 286 11.95 -1.58 22.63
CA TYR A 286 13.29 -1.04 22.93
C TYR A 286 14.21 -1.98 23.72
N SER A 287 13.65 -2.97 24.38
CA SER A 287 14.40 -3.85 25.26
C SER A 287 14.21 -5.30 24.81
N GLU A 288 15.15 -5.82 24.03
CA GLU A 288 14.96 -7.12 23.35
C GLU A 288 14.73 -8.39 24.25
N PHE A 289 15.02 -8.29 25.56
CA PHE A 289 14.82 -9.39 26.50
C PHE A 289 13.56 -9.27 27.34
N ILE A 290 12.82 -8.18 27.16
CA ILE A 290 11.68 -7.89 28.02
C ILE A 290 10.38 -8.14 27.27
N LEU A 291 9.43 -8.76 27.98
CA LEU A 291 8.05 -8.93 27.45
C LEU A 291 7.06 -8.94 28.57
N ALA A 292 5.79 -8.80 28.19
CA ALA A 292 4.71 -8.68 29.15
C ALA A 292 3.58 -9.61 28.75
N THR A 293 2.92 -10.20 29.76
CA THR A 293 1.77 -11.09 29.51
C THR A 293 0.59 -10.64 30.32
N GLY A 294 -0.59 -10.79 29.76
CA GLY A 294 -1.83 -10.44 30.47
C GLY A 294 -2.73 -11.65 30.64
N SER A 295 -3.43 -11.69 31.77
CA SER A 295 -4.08 -12.93 32.19
C SER A 295 -5.45 -12.77 32.81
N ALA A 296 -6.20 -13.87 32.77
CA ALA A 296 -7.45 -13.96 33.51
C ALA A 296 -7.25 -13.84 35.01
N ASP A 297 -6.01 -13.98 35.51
CA ASP A 297 -5.74 -13.76 36.95
C ASP A 297 -5.75 -12.29 37.37
N LYS A 298 -5.99 -11.39 36.41
CA LYS A 298 -6.12 -9.94 36.63
C LYS A 298 -4.80 -9.20 36.71
N THR A 299 -3.72 -9.84 36.28
CA THR A 299 -2.39 -9.26 36.37
C THR A 299 -1.74 -9.21 35.01
N VAL A 300 -0.82 -8.26 34.86
CA VAL A 300 0.16 -8.29 33.80
C VAL A 300 1.48 -8.74 34.43
N ALA A 301 2.12 -9.75 33.83
CA ALA A 301 3.45 -10.19 34.25
C ALA A 301 4.54 -9.62 33.36
N LEU A 302 5.66 -9.23 33.96
CA LEU A 302 6.84 -8.73 33.27
C LEU A 302 7.91 -9.84 33.28
N TRP A 303 8.49 -10.13 32.11
CA TRP A 303 9.39 -11.25 31.90
C TRP A 303 10.72 -10.77 31.32
N ASP A 304 11.79 -11.48 31.68
CA ASP A 304 13.08 -11.42 31.10
C ASP A 304 13.38 -12.77 30.44
N LEU A 305 13.49 -12.78 29.11
CA LEU A 305 13.75 -14.02 28.35
C LEU A 305 14.96 -14.82 28.81
N ARG A 306 15.95 -14.13 29.40
CA ARG A 306 17.20 -14.77 29.81
C ARG A 306 17.06 -15.52 31.12
N ASN A 307 16.04 -15.17 31.91
CA ASN A 307 15.73 -15.96 33.11
C ASN A 307 14.22 -16.00 33.38
N LEU A 308 13.56 -16.89 32.64
CA LEU A 308 12.12 -17.04 32.75
C LEU A 308 11.59 -17.78 34.03
N LYS A 309 12.47 -18.35 34.85
CA LYS A 309 12.07 -18.91 36.15
C LYS A 309 11.59 -17.82 37.13
N LEU A 310 12.04 -16.57 36.95
CA LEU A 310 11.77 -15.49 37.90
C LEU A 310 10.93 -14.41 37.20
N LYS A 311 9.65 -14.36 37.51
CA LYS A 311 8.81 -13.25 37.07
C LYS A 311 9.41 -11.95 37.62
N LEU A 312 9.63 -10.94 36.77
CA LEU A 312 10.24 -9.67 37.22
C LEU A 312 9.32 -8.80 38.08
N HIS A 313 8.04 -8.72 37.69
CA HIS A 313 7.06 -7.89 38.37
C HIS A 313 5.65 -8.36 38.00
N SER A 314 4.68 -8.04 38.86
CA SER A 314 3.28 -8.31 38.62
C SER A 314 2.56 -6.98 38.78
N PHE A 315 1.96 -6.50 37.69
CA PHE A 315 1.21 -5.26 37.70
C PHE A 315 -0.21 -5.61 38.14
N GLU A 316 -0.64 -5.00 39.25
CA GLU A 316 -1.92 -5.31 39.89
C GLU A 316 -2.81 -4.05 40.05
N SER A 317 -4.05 -4.17 39.63
CA SER A 317 -5.11 -3.13 39.73
C SER A 317 -6.34 -3.49 38.95
N HIS A 318 -6.19 -4.21 37.84
CA HIS A 318 -7.37 -4.71 37.14
C HIS A 318 -8.25 -5.54 38.08
N LYS A 319 -9.57 -5.36 37.92
CA LYS A 319 -10.57 -6.05 38.71
C LYS A 319 -11.20 -7.22 37.94
N ASP A 320 -10.67 -7.58 36.77
CA ASP A 320 -11.20 -8.70 36.01
C ASP A 320 -10.18 -9.15 34.95
N GLU A 321 -10.57 -10.14 34.17
CA GLU A 321 -9.74 -10.72 33.10
C GLU A 321 -9.14 -9.69 32.08
N ILE A 322 -7.84 -9.82 31.82
CA ILE A 322 -7.12 -8.96 30.89
C ILE A 322 -6.99 -9.68 29.57
N PHE A 323 -7.32 -8.97 28.50
CA PHE A 323 -7.32 -9.54 27.16
C PHE A 323 -6.33 -8.88 26.20
N GLN A 324 -5.92 -7.65 26.48
CA GLN A 324 -4.87 -7.03 25.67
C GLN A 324 -3.81 -6.31 26.51
N VAL A 325 -2.58 -6.38 26.02
CA VAL A 325 -1.45 -5.64 26.59
C VAL A 325 -0.57 -5.14 25.44
N GLN A 326 -0.10 -3.90 25.51
CA GLN A 326 0.72 -3.32 24.46
C GLN A 326 1.68 -2.30 25.03
N TRP A 327 2.94 -2.38 24.61
CA TRP A 327 3.95 -1.39 24.98
C TRP A 327 3.76 -0.12 24.18
N SER A 328 4.10 1.01 24.77
CA SER A 328 4.16 2.27 24.04
C SER A 328 5.18 2.15 22.90
N PRO A 329 4.83 2.66 21.70
CA PRO A 329 5.85 2.73 20.63
C PRO A 329 6.90 3.80 20.84
N HIS A 330 6.62 4.75 21.74
CA HIS A 330 7.45 5.93 21.94
C HIS A 330 8.25 5.95 23.24
N ASN A 331 7.86 5.17 24.25
CA ASN A 331 8.43 5.27 25.59
C ASN A 331 8.68 3.85 26.13
N GLU A 332 9.97 3.51 26.25
CA GLU A 332 10.39 2.15 26.68
C GLU A 332 9.82 1.63 27.99
N THR A 333 9.51 2.51 28.92
CA THR A 333 9.02 2.10 30.24
C THR A 333 7.49 2.08 30.38
N ILE A 334 6.76 2.38 29.29
CA ILE A 334 5.34 2.56 29.33
C ILE A 334 4.64 1.38 28.64
N LEU A 335 3.62 0.84 29.31
CA LEU A 335 2.90 -0.35 28.86
C LEU A 335 1.43 -0.11 29.18
N ALA A 336 0.53 -0.67 28.38
CA ALA A 336 -0.90 -0.55 28.67
C ALA A 336 -1.62 -1.89 28.65
N SER A 337 -2.73 -1.95 29.39
CA SER A 337 -3.51 -3.19 29.47
C SER A 337 -5.00 -2.90 29.54
N SER A 338 -5.78 -3.80 28.98
CA SER A 338 -7.26 -3.67 28.99
C SER A 338 -7.95 -5.01 29.08
N GLY A 339 -9.21 -4.98 29.46
CA GLY A 339 -10.00 -6.19 29.51
C GLY A 339 -11.43 -6.03 30.01
N THR A 340 -11.91 -7.09 30.67
CA THR A 340 -13.31 -7.23 31.05
C THR A 340 -13.78 -6.24 32.11
N ASP A 341 -12.89 -5.76 32.99
CA ASP A 341 -13.26 -4.72 33.96
C ASP A 341 -13.58 -3.31 33.38
N ARG A 342 -13.59 -3.17 32.06
CA ARG A 342 -13.98 -1.91 31.36
C ARG A 342 -12.97 -0.76 31.55
N ARG A 343 -11.74 -1.11 31.89
CA ARG A 343 -10.68 -0.13 32.20
C ARG A 343 -9.52 -0.37 31.27
N LEU A 344 -8.84 0.70 30.89
CA LEU A 344 -7.56 0.57 30.20
C LEU A 344 -6.57 1.20 31.15
N ASN A 345 -5.63 0.38 31.62
CA ASN A 345 -4.60 0.83 32.55
C ASN A 345 -3.29 1.12 31.78
N VAL A 346 -2.67 2.24 32.13
CA VAL A 346 -1.35 2.60 31.62
C VAL A 346 -0.33 2.55 32.76
N TRP A 347 0.76 1.81 32.54
CA TRP A 347 1.78 1.58 33.56
C TRP A 347 3.11 2.22 33.16
N ASP A 348 3.85 2.68 34.17
CA ASP A 348 5.20 3.17 34.03
C ASP A 348 6.16 2.37 34.94
N LEU A 349 6.92 1.46 34.33
CA LEU A 349 7.77 0.56 35.11
C LEU A 349 8.95 1.20 35.80
N SER A 350 9.32 2.41 35.38
CA SER A 350 10.34 3.20 36.07
C SER A 350 9.88 3.64 37.48
N LYS A 351 8.56 3.62 37.74
CA LYS A 351 8.03 3.99 39.04
C LYS A 351 7.83 2.79 40.00
N ILE A 352 8.22 1.57 39.60
CA ILE A 352 8.22 0.41 40.50
C ILE A 352 9.15 0.69 41.69
N GLY A 353 8.62 0.62 42.91
CA GLY A 353 9.41 0.83 44.12
C GLY A 353 9.31 2.19 44.78
N GLU A 354 8.88 3.23 44.07
CA GLU A 354 8.78 4.58 44.65
C GLU A 354 7.82 4.62 45.85
N GLU A 355 8.11 5.49 46.81
CA GLU A 355 7.29 5.64 48.03
C GLU A 355 5.99 6.42 47.74
N GLN A 356 5.02 6.41 48.68
CA GLN A 356 3.71 7.07 48.47
C GLN A 356 2.92 7.44 49.74
N SER A 357 1.96 8.36 49.59
CA SER A 357 1.06 8.76 50.69
C SER A 357 -0.03 7.71 50.90
N GLU A 362 -1.83 4.45 48.47
CA GLU A 362 -2.83 5.41 48.05
C GLU A 362 -4.01 4.67 47.33
N ASP A 363 -4.34 5.07 46.08
CA ASP A 363 -5.45 4.49 45.28
C ASP A 363 -4.99 3.36 44.32
N GLY A 364 -3.84 2.71 44.62
CA GLY A 364 -3.14 1.90 43.62
C GLY A 364 -1.63 2.10 43.68
N PRO A 365 -0.89 1.20 43.05
CA PRO A 365 0.57 1.18 43.20
C PRO A 365 1.25 2.32 42.44
N PRO A 366 2.51 2.60 42.77
CA PRO A 366 3.18 3.76 42.16
C PRO A 366 3.33 3.66 40.62
N GLU A 367 3.54 2.44 40.12
CA GLU A 367 3.68 2.18 38.68
C GLU A 367 2.38 2.27 37.81
N LEU A 368 1.24 2.52 38.45
CA LEU A 368 -0.01 2.75 37.72
C LEU A 368 -0.06 4.24 37.42
N LEU A 369 0.14 4.60 36.15
CA LEU A 369 0.17 6.00 35.75
C LEU A 369 -1.22 6.58 35.55
N PHE A 370 -2.08 5.83 34.86
CA PHE A 370 -3.39 6.33 34.47
C PHE A 370 -4.39 5.18 34.34
N ILE A 371 -5.63 5.42 34.76
CA ILE A 371 -6.76 4.52 34.51
C ILE A 371 -7.74 5.21 33.58
N HIS A 372 -7.94 4.64 32.39
CA HIS A 372 -8.92 5.18 31.45
C HIS A 372 -10.28 4.53 31.72
N GLY A 373 -11.26 5.34 32.16
CA GLY A 373 -12.59 4.86 32.50
C GLY A 373 -13.71 5.27 31.57
N GLY A 374 -13.36 5.56 30.31
CA GLY A 374 -14.32 6.06 29.32
C GLY A 374 -15.28 5.03 28.76
N HIS A 375 -14.90 3.77 28.83
CA HIS A 375 -15.73 2.69 28.31
C HIS A 375 -16.67 2.17 29.39
N THR A 376 -17.92 1.89 28.99
CA THR A 376 -18.95 1.36 29.87
C THR A 376 -19.27 -0.11 29.55
N ALA A 377 -18.41 -0.76 28.78
CA ALA A 377 -18.52 -2.18 28.48
C ALA A 377 -17.11 -2.76 28.40
N LYS A 378 -17.03 -4.07 28.22
CA LYS A 378 -15.77 -4.77 28.10
C LYS A 378 -14.94 -4.20 26.92
N ILE A 379 -13.66 -3.94 27.15
CA ILE A 379 -12.76 -3.45 26.09
C ILE A 379 -12.19 -4.67 25.36
N SER A 380 -12.32 -4.70 24.04
CA SER A 380 -11.90 -5.86 23.23
C SER A 380 -10.50 -5.69 22.63
N ASP A 381 -10.08 -4.46 22.36
CA ASP A 381 -8.75 -4.22 21.77
C ASP A 381 -8.41 -2.75 21.86
N PHE A 382 -7.11 -2.45 21.71
CA PHE A 382 -6.65 -1.06 21.64
C PHE A 382 -5.33 -0.98 20.90
N SER A 383 -5.01 0.22 20.42
CA SER A 383 -3.79 0.43 19.64
C SER A 383 -3.20 1.77 20.00
N TRP A 384 -1.91 1.79 20.28
CA TRP A 384 -1.18 3.05 20.48
C TRP A 384 -0.93 3.67 19.11
N ASN A 385 -1.28 4.94 18.93
CA ASN A 385 -1.02 5.66 17.68
C ASN A 385 0.48 5.85 17.47
N PRO A 386 1.04 5.31 16.35
CA PRO A 386 2.48 5.32 16.16
C PRO A 386 3.09 6.69 15.78
N ASN A 387 2.26 7.67 15.46
CA ASN A 387 2.69 8.99 15.00
C ASN A 387 2.37 10.13 15.96
N GLU A 388 1.49 9.91 16.96
CA GLU A 388 1.18 10.93 17.96
C GLU A 388 1.39 10.31 19.32
N PRO A 389 2.51 10.63 19.99
CA PRO A 389 2.77 10.04 21.30
C PRO A 389 1.58 10.16 22.23
N TRP A 390 1.25 9.06 22.91
CA TRP A 390 0.19 9.02 23.95
C TRP A 390 -1.28 8.95 23.47
N VAL A 391 -1.51 8.99 22.16
CA VAL A 391 -2.84 8.81 21.63
C VAL A 391 -3.10 7.31 21.56
N ILE A 392 -4.24 6.91 22.12
CA ILE A 392 -4.71 5.54 22.06
C ILE A 392 -6.09 5.54 21.40
N CYS A 393 -6.34 4.51 20.59
CA CYS A 393 -7.69 4.15 20.19
C CYS A 393 -8.07 2.84 20.89
N SER A 394 -9.25 2.82 21.53
CA SER A 394 -9.75 1.64 22.23
C SER A 394 -11.20 1.33 21.83
N VAL A 395 -11.53 0.05 21.66
CA VAL A 395 -12.87 -0.38 21.20
C VAL A 395 -13.53 -1.33 22.21
N SER A 396 -14.81 -1.12 22.47
CA SER A 396 -15.59 -1.95 23.41
C SER A 396 -16.85 -2.59 22.80
N GLU A 397 -17.40 -3.55 23.54
CA GLU A 397 -18.51 -4.40 23.10
C GLU A 397 -19.84 -3.71 22.87
N ASP A 398 -20.02 -2.55 23.48
CA ASP A 398 -21.20 -1.70 23.29
C ASP A 398 -21.07 -0.75 22.07
N ASN A 399 -20.22 -1.07 21.09
CA ASN A 399 -20.06 -0.31 19.82
C ASN A 399 -19.17 0.95 19.90
N ILE A 400 -18.68 1.27 21.09
CA ILE A 400 -17.94 2.49 21.30
C ILE A 400 -16.48 2.31 20.84
N MET A 401 -16.02 3.29 20.08
CA MET A 401 -14.60 3.54 19.77
C MET A 401 -14.25 4.89 20.37
N GLN A 402 -13.17 4.93 21.14
CA GLN A 402 -12.63 6.17 21.70
C GLN A 402 -11.18 6.39 21.21
N VAL A 403 -10.89 7.62 20.79
CA VAL A 403 -9.52 8.06 20.49
C VAL A 403 -9.18 9.11 21.51
N TRP A 404 -8.15 8.86 22.31
CA TRP A 404 -7.92 9.69 23.48
C TRP A 404 -6.46 9.81 23.89
N GLN A 405 -6.19 10.85 24.65
CA GLN A 405 -4.85 11.16 25.11
C GLN A 405 -4.95 11.73 26.53
N MET A 406 -4.26 11.10 27.48
CA MET A 406 -4.24 11.60 28.87
C MET A 406 -3.54 12.96 28.92
N ALA A 407 -3.80 13.73 29.96
CA ALA A 407 -3.24 15.07 30.10
C ALA A 407 -1.70 15.01 30.19
N GLU A 408 -1.04 15.98 29.57
CA GLU A 408 0.42 16.01 29.54
C GLU A 408 1.04 16.04 30.95
N ASN A 409 0.43 16.78 31.87
CA ASN A 409 0.95 16.85 33.25
C ASN A 409 0.94 15.52 34.04
N ILE A 410 0.15 14.54 33.60
CA ILE A 410 0.12 13.21 34.24
C ILE A 410 1.41 12.38 33.99
N TYR A 411 1.98 12.50 32.79
CA TYR A 411 3.30 11.88 32.47
C TYR A 411 4.51 12.87 32.42
N ASN A 412 4.26 14.18 32.32
CA ASN A 412 5.31 15.21 32.48
C ASN A 412 5.07 16.05 33.73
N MET B 1 -10.29 -19.15 27.27
CA MET B 1 -11.15 -19.16 26.06
C MET B 1 -12.20 -18.11 26.28
N ARG B 2 -12.25 -17.12 25.42
CA ARG B 2 -13.16 -16.01 25.61
C ARG B 2 -14.55 -16.37 25.08
N SER B 3 -15.54 -15.76 25.68
CA SER B 3 -16.92 -15.88 25.26
C SER B 3 -17.33 -14.50 24.77
N LYS B 4 -17.59 -14.38 23.46
CA LYS B 4 -18.00 -13.09 22.88
C LYS B 4 -19.44 -12.75 23.29
N GLY B 5 -19.68 -11.49 23.66
CA GLY B 5 -21.06 -11.03 23.93
C GLY B 5 -21.98 -11.12 22.72
N ARG B 6 -23.28 -10.89 22.91
CA ARG B 6 -24.21 -10.78 21.77
C ARG B 6 -24.21 -9.32 21.29
N ALA B 7 -23.84 -9.12 20.04
CA ALA B 7 -23.66 -7.78 19.50
C ALA B 7 -25.01 -7.16 19.23
N ARG B 8 -25.15 -5.90 19.61
CA ARG B 8 -26.32 -5.08 19.33
C ARG B 8 -25.96 -3.97 18.32
N LYS B 9 -26.79 -3.81 17.29
CA LYS B 9 -26.65 -2.72 16.29
C LYS B 9 -26.97 -1.34 16.87
N LEU B 10 -26.52 -0.29 16.19
CA LEU B 10 -26.82 1.14 16.49
C LEU B 10 -25.91 1.69 17.59
N ASP C 11 -15.56 -17.21 -24.74
CA ASP C 11 -15.60 -15.85 -25.33
C ASP C 11 -14.21 -15.22 -25.33
N ASP C 12 -13.55 -15.25 -24.18
CA ASP C 12 -12.15 -14.82 -24.05
C ASP C 12 -11.18 -15.71 -24.84
N ALA C 13 -11.47 -17.02 -24.92
CA ALA C 13 -10.57 -18.04 -25.54
C ALA C 13 -10.70 -18.29 -27.06
N VAL C 14 -11.58 -17.58 -27.77
CA VAL C 14 -11.50 -17.50 -29.25
C VAL C 14 -10.41 -16.50 -29.60
N GLU C 15 -10.42 -15.38 -28.86
CA GLU C 15 -9.35 -14.36 -28.94
C GLU C 15 -7.94 -14.96 -28.95
N GLU C 16 -7.71 -15.96 -28.11
CA GLU C 16 -6.42 -16.67 -28.05
C GLU C 16 -6.01 -17.27 -29.40
N ARG C 17 -6.98 -17.80 -30.17
CA ARG C 17 -6.74 -18.25 -31.55
C ARG C 17 -6.35 -17.08 -32.49
N VAL C 18 -7.07 -15.95 -32.36
CA VAL C 18 -6.80 -14.75 -33.17
C VAL C 18 -5.42 -14.16 -32.88
N ILE C 19 -5.08 -14.03 -31.60
CA ILE C 19 -3.79 -13.53 -31.15
C ILE C 19 -2.63 -14.42 -31.61
N ASN C 20 -2.74 -15.73 -31.40
CA ASN C 20 -1.67 -16.67 -31.77
C ASN C 20 -1.48 -16.83 -33.29
N GLU C 21 -2.52 -16.60 -34.08
CA GLU C 21 -2.39 -16.61 -35.55
C GLU C 21 -1.70 -15.34 -36.03
N GLU C 22 -2.09 -14.20 -35.45
CA GLU C 22 -1.49 -12.91 -35.77
C GLU C 22 -0.03 -12.81 -35.34
N TYR C 23 0.31 -13.39 -34.20
CA TYR C 23 1.71 -13.46 -33.75
C TYR C 23 2.57 -14.31 -34.70
N LYS C 24 1.98 -15.36 -35.30
CA LYS C 24 2.69 -16.23 -36.25
C LYS C 24 3.04 -15.48 -37.54
N ILE C 25 2.09 -14.68 -38.04
CA ILE C 25 2.32 -13.84 -39.20
C ILE C 25 3.36 -12.77 -38.87
N TRP C 26 3.25 -12.17 -37.69
CA TRP C 26 4.20 -11.16 -37.24
C TRP C 26 5.61 -11.71 -37.15
N LYS C 27 5.79 -12.82 -36.44
CA LYS C 27 7.10 -13.48 -36.28
C LYS C 27 7.77 -13.72 -37.64
N LYS C 28 7.00 -14.24 -38.61
CA LYS C 28 7.51 -14.53 -39.95
C LYS C 28 7.96 -13.27 -40.71
N ASN C 29 7.31 -12.14 -40.44
CA ASN C 29 7.56 -10.88 -41.17
C ASN C 29 8.57 -9.93 -40.52
N THR C 30 9.07 -10.24 -39.32
CA THR C 30 10.00 -9.33 -38.64
C THR C 30 11.30 -9.00 -39.43
N PRO C 31 11.80 -9.95 -40.25
CA PRO C 31 12.96 -9.59 -41.06
C PRO C 31 12.76 -8.46 -42.08
N PHE C 32 11.52 -8.18 -42.49
CA PHE C 32 11.26 -7.07 -43.41
C PHE C 32 10.65 -5.82 -42.74
N LEU C 33 10.18 -5.95 -41.51
CA LEU C 33 9.51 -4.86 -40.78
C LEU C 33 10.39 -4.20 -39.70
N TYR C 34 11.45 -4.85 -39.27
CA TYR C 34 12.27 -4.36 -38.16
C TYR C 34 13.75 -4.35 -38.50
N ASP C 35 14.48 -3.36 -37.98
CA ASP C 35 15.94 -3.42 -37.94
C ASP C 35 16.44 -4.05 -36.65
N LEU C 36 15.58 -4.11 -35.64
CA LEU C 36 15.90 -4.77 -34.37
C LEU C 36 14.64 -5.27 -33.65
N VAL C 37 14.70 -6.52 -33.16
CA VAL C 37 13.69 -7.10 -32.27
C VAL C 37 14.37 -7.92 -31.19
N MET C 38 14.30 -7.49 -29.93
CA MET C 38 14.80 -8.25 -28.78
C MET C 38 13.60 -8.54 -27.88
N THR C 39 13.34 -9.81 -27.56
CA THR C 39 12.25 -10.21 -26.67
C THR C 39 12.81 -10.82 -25.38
N HIS C 40 12.26 -10.43 -24.23
CA HIS C 40 12.73 -10.89 -22.92
C HIS C 40 11.55 -11.09 -22.00
N ALA C 41 11.55 -12.22 -21.30
CA ALA C 41 10.50 -12.56 -20.36
C ALA C 41 10.97 -12.18 -18.97
N LEU C 42 10.32 -11.22 -18.33
CA LEU C 42 10.62 -10.88 -16.95
C LEU C 42 10.00 -11.92 -15.99
N GLU C 43 10.54 -12.01 -14.78
CA GLU C 43 10.06 -12.96 -13.79
C GLU C 43 8.65 -12.61 -13.35
N TRP C 44 8.41 -11.32 -13.16
CA TRP C 44 7.07 -10.77 -12.99
C TRP C 44 6.83 -9.66 -14.02
N PRO C 45 5.55 -9.40 -14.36
CA PRO C 45 5.33 -8.30 -15.33
C PRO C 45 5.70 -6.95 -14.73
N SER C 46 6.06 -6.02 -15.62
CA SER C 46 6.28 -4.64 -15.27
C SER C 46 5.12 -3.81 -15.84
N LEU C 47 4.57 -2.95 -14.99
CA LEU C 47 3.59 -1.98 -15.35
C LEU C 47 4.20 -0.71 -15.95
N THR C 48 5.53 -0.57 -15.86
CA THR C 48 6.22 0.67 -16.16
C THR C 48 7.50 0.42 -16.96
N ALA C 49 7.83 1.39 -17.80
CA ALA C 49 9.09 1.35 -18.56
C ALA C 49 9.54 2.75 -18.90
N GLN C 50 10.83 3.02 -18.65
CA GLN C 50 11.46 4.30 -18.97
C GLN C 50 12.95 4.11 -19.16
N TRP C 51 13.44 4.45 -20.35
CA TRP C 51 14.88 4.47 -20.58
C TRP C 51 15.50 5.51 -19.72
N LEU C 52 16.59 5.16 -19.06
CA LEU C 52 17.44 6.18 -18.44
C LEU C 52 18.21 6.93 -19.56
N PRO C 53 18.58 8.21 -19.34
CA PRO C 53 19.18 9.02 -20.42
C PRO C 53 20.64 8.67 -20.78
N ASP C 54 21.34 8.07 -19.84
CA ASP C 54 22.77 7.81 -19.99
CA ASP C 54 22.78 7.77 -19.93
C ASP C 54 23.08 6.54 -20.77
N VAL C 55 24.16 6.61 -21.54
CA VAL C 55 24.58 5.54 -22.47
C VAL C 55 26.08 5.38 -22.33
N THR C 56 26.56 4.15 -22.38
CA THR C 56 27.97 3.86 -22.21
C THR C 56 28.40 3.13 -23.46
N ARG C 57 29.53 3.54 -24.04
CA ARG C 57 30.01 3.08 -25.33
C ARG C 57 31.43 2.58 -25.12
N PRO C 58 31.59 1.36 -24.57
CA PRO C 58 32.95 0.85 -24.31
C PRO C 58 33.82 0.87 -25.57
N GLU C 59 35.07 1.32 -25.42
CA GLU C 59 35.97 1.64 -26.54
C GLU C 59 36.09 0.59 -27.62
N GLY C 60 36.48 -0.64 -27.25
CA GLY C 60 36.79 -1.68 -28.24
C GLY C 60 35.60 -2.43 -28.85
N LYS C 61 34.38 -2.10 -28.44
CA LYS C 61 33.21 -2.94 -28.68
C LYS C 61 32.30 -2.37 -29.76
N ASP C 62 31.42 -3.21 -30.31
CA ASP C 62 30.48 -2.81 -31.39
C ASP C 62 29.06 -2.58 -30.86
N PHE C 63 28.92 -2.32 -29.57
CA PHE C 63 27.63 -2.20 -28.92
C PHE C 63 27.71 -1.21 -27.77
N SER C 64 26.57 -0.61 -27.45
CA SER C 64 26.47 0.33 -26.34
C SER C 64 25.54 -0.23 -25.26
N ILE C 65 25.68 0.30 -24.05
CA ILE C 65 24.93 -0.18 -22.91
C ILE C 65 24.01 0.92 -22.45
N HIS C 66 22.72 0.61 -22.50
CA HIS C 66 21.63 1.48 -22.11
C HIS C 66 20.95 0.83 -20.91
N ARG C 67 20.12 1.64 -20.25
CA ARG C 67 19.48 1.21 -19.03
C ARG C 67 18.02 1.62 -18.98
N LEU C 68 17.25 0.78 -18.27
CA LEU C 68 15.81 0.93 -18.18
C LEU C 68 15.36 0.90 -16.74
N VAL C 69 14.47 1.83 -16.40
CA VAL C 69 13.73 1.74 -15.16
C VAL C 69 12.51 0.85 -15.41
N LEU C 70 12.40 -0.19 -14.60
CA LEU C 70 11.29 -1.12 -14.63
C LEU C 70 10.77 -1.31 -13.21
N GLY C 71 9.67 -2.05 -13.08
CA GLY C 71 9.12 -2.43 -11.78
C GLY C 71 8.60 -3.84 -11.85
N THR C 72 8.17 -4.37 -10.71
CA THR C 72 7.41 -5.62 -10.68
C THR C 72 5.95 -5.36 -10.37
N HIS C 73 5.14 -6.34 -10.76
CA HIS C 73 3.77 -6.49 -10.30
C HIS C 73 3.62 -7.97 -9.91
N THR C 74 3.52 -8.25 -8.61
CA THR C 74 3.41 -9.61 -8.14
C THR C 74 2.03 -9.82 -7.57
N SER C 75 1.69 -11.07 -7.36
CA SER C 75 0.49 -11.44 -6.66
C SER C 75 0.98 -12.11 -5.37
N ASP C 76 0.88 -11.37 -4.26
CA ASP C 76 1.32 -11.85 -2.93
C ASP C 76 2.81 -12.31 -2.93
N GLU C 77 3.70 -11.48 -3.45
CA GLU C 77 5.15 -11.65 -3.26
C GLU C 77 5.80 -10.27 -3.10
N GLN C 78 6.97 -10.23 -2.46
CA GLN C 78 7.71 -8.97 -2.34
C GLN C 78 7.95 -8.33 -3.72
N ASN C 79 7.58 -7.06 -3.88
CA ASN C 79 7.83 -6.34 -5.14
C ASN C 79 9.18 -5.61 -5.15
N HIS C 80 9.64 -5.22 -6.35
CA HIS C 80 10.87 -4.41 -6.48
C HIS C 80 10.77 -3.33 -7.54
N LEU C 81 11.46 -2.21 -7.27
CA LEU C 81 11.88 -1.26 -8.31
C LEU C 81 13.13 -1.86 -8.94
N VAL C 82 13.19 -1.82 -10.27
CA VAL C 82 14.24 -2.52 -11.03
C VAL C 82 14.96 -1.57 -11.98
N ILE C 83 16.29 -1.67 -12.03
CA ILE C 83 17.07 -1.07 -13.11
C ILE C 83 17.67 -2.24 -13.88
N ALA C 84 17.41 -2.25 -15.18
CA ALA C 84 17.95 -3.27 -16.08
C ALA C 84 18.91 -2.64 -17.09
N SER C 85 19.88 -3.39 -17.55
CA SER C 85 20.77 -2.97 -18.63
C SER C 85 20.41 -3.71 -19.93
N VAL C 86 20.58 -3.03 -21.05
CA VAL C 86 20.35 -3.58 -22.38
C VAL C 86 21.53 -3.23 -23.24
N GLN C 87 22.10 -4.21 -23.95
CA GLN C 87 23.12 -3.96 -24.96
C GLN C 87 22.52 -3.82 -26.36
N LEU C 88 22.70 -2.66 -26.98
CA LEU C 88 22.25 -2.41 -28.36
C LEU C 88 23.47 -2.22 -29.25
N PRO C 89 23.38 -2.59 -30.55
CA PRO C 89 24.51 -2.33 -31.48
C PRO C 89 24.69 -0.84 -31.84
N ASN C 90 25.87 -0.46 -32.33
CA ASN C 90 26.12 0.92 -32.84
C ASN C 90 26.11 0.97 -34.38
N ASP C 91 27.04 0.21 -34.99
CA ASP C 91 27.48 0.40 -36.38
C ASP C 91 27.53 -0.93 -37.12
N LYS C 116 22.33 -8.49 -25.15
CA LYS C 116 21.83 -9.15 -23.93
C LYS C 116 21.11 -8.16 -23.01
N ILE C 117 20.19 -8.70 -22.20
CA ILE C 117 19.37 -7.92 -21.25
C ILE C 117 19.62 -8.50 -19.86
N GLU C 118 20.02 -7.65 -18.91
CA GLU C 118 20.37 -8.06 -17.53
C GLU C 118 19.74 -7.13 -16.49
N ILE C 119 19.41 -7.69 -15.33
CA ILE C 119 18.90 -6.91 -14.19
C ILE C 119 20.10 -6.46 -13.37
N GLU C 120 20.32 -5.16 -13.26
CA GLU C 120 21.45 -4.63 -12.46
C GLU C 120 21.10 -4.49 -10.98
N ILE C 121 19.88 -4.07 -10.67
CA ILE C 121 19.48 -3.73 -9.32
C ILE C 121 17.99 -4.02 -9.08
N LYS C 122 17.67 -4.57 -7.92
CA LYS C 122 16.32 -4.62 -7.40
C LYS C 122 16.31 -4.01 -5.99
N ILE C 123 15.40 -3.05 -5.78
CA ILE C 123 15.20 -2.35 -4.51
C ILE C 123 13.81 -2.71 -3.96
N ASN C 124 13.75 -3.03 -2.66
CA ASN C 124 12.48 -3.41 -2.03
C ASN C 124 11.43 -2.32 -2.22
N HIS C 125 10.25 -2.72 -2.69
CA HIS C 125 9.16 -1.80 -2.92
C HIS C 125 7.86 -2.36 -2.27
N GLU C 126 7.12 -1.44 -1.65
CA GLU C 126 5.87 -1.65 -0.95
C GLU C 126 4.72 -1.73 -1.95
N GLY C 127 4.34 -2.95 -2.34
CA GLY C 127 3.37 -3.19 -3.38
C GLY C 127 3.95 -3.08 -4.77
N GLU C 128 3.15 -3.43 -5.76
CA GLU C 128 3.57 -3.31 -7.16
C GLU C 128 3.89 -1.86 -7.57
N VAL C 129 4.74 -1.74 -8.58
CA VAL C 129 5.20 -0.44 -9.05
C VAL C 129 4.24 0.02 -10.13
N ASN C 130 3.30 0.90 -9.77
CA ASN C 130 2.28 1.36 -10.73
C ASN C 130 2.95 2.13 -11.86
N ARG C 131 3.94 2.97 -11.48
CA ARG C 131 4.67 3.81 -12.41
C ARG C 131 6.00 4.24 -11.73
N ALA C 132 7.07 4.33 -12.52
CA ALA C 132 8.35 4.82 -12.02
C ALA C 132 8.94 5.76 -13.07
N ARG C 133 9.39 6.93 -12.62
CA ARG C 133 9.94 7.98 -13.50
C ARG C 133 11.19 8.64 -12.91
N TYR C 134 12.28 8.69 -13.68
CA TYR C 134 13.53 9.34 -13.23
C TYR C 134 13.42 10.87 -13.28
N MET C 135 14.15 11.53 -12.39
CA MET C 135 14.18 12.97 -12.31
C MET C 135 15.18 13.50 -13.36
N PRO C 136 14.70 14.30 -14.35
CA PRO C 136 15.52 14.81 -15.46
C PRO C 136 16.82 15.45 -15.05
N GLN C 137 16.79 16.26 -14.00
CA GLN C 137 17.98 16.95 -13.52
C GLN C 137 18.92 16.06 -12.66
N ASN C 138 18.48 14.88 -12.25
CA ASN C 138 19.35 13.92 -11.55
C ASN C 138 18.72 12.51 -11.69
N PRO C 139 19.13 11.79 -12.76
CA PRO C 139 18.45 10.55 -13.09
C PRO C 139 18.78 9.36 -12.15
N CYS C 140 19.59 9.56 -11.11
CA CYS C 140 19.62 8.61 -9.98
C CYS C 140 18.35 8.62 -9.12
N ILE C 141 17.61 9.75 -9.15
CA ILE C 141 16.42 9.93 -8.34
C ILE C 141 15.20 9.39 -9.10
N ILE C 142 14.54 8.38 -8.53
CA ILE C 142 13.35 7.79 -9.17
C ILE C 142 12.14 7.91 -8.25
N ALA C 143 11.03 8.40 -8.81
CA ALA C 143 9.76 8.45 -8.07
C ALA C 143 8.95 7.28 -8.53
N THR C 144 8.19 6.71 -7.58
CA THR C 144 7.27 5.60 -7.85
C THR C 144 5.88 5.78 -7.21
N LYS C 145 4.90 5.14 -7.85
CA LYS C 145 3.51 5.12 -7.40
C LYS C 145 3.18 3.74 -6.84
N THR C 146 2.69 3.69 -5.61
CA THR C 146 2.41 2.43 -4.93
C THR C 146 0.89 2.17 -4.84
N PRO C 147 0.46 0.93 -4.53
CA PRO C 147 -0.97 0.68 -4.33
C PRO C 147 -1.58 1.38 -3.11
N SER C 148 -0.77 1.76 -2.14
CA SER C 148 -1.19 2.70 -1.12
C SER C 148 -1.20 4.10 -1.74
N SER C 149 -1.67 5.08 -0.99
CA SER C 149 -1.70 6.46 -1.57
C SER C 149 -0.27 7.08 -1.72
N ASP C 150 0.73 6.51 -1.06
CA ASP C 150 2.13 7.01 -1.06
C ASP C 150 2.80 7.01 -2.44
N VAL C 151 3.53 8.10 -2.68
CA VAL C 151 4.49 8.23 -3.75
C VAL C 151 5.89 8.11 -3.10
N LEU C 152 6.73 7.23 -3.62
CA LEU C 152 8.05 7.03 -3.05
C LEU C 152 9.13 7.65 -3.93
N VAL C 153 10.20 8.10 -3.28
CA VAL C 153 11.39 8.58 -3.99
C VAL C 153 12.61 7.75 -3.55
N PHE C 154 13.28 7.17 -4.54
CA PHE C 154 14.50 6.42 -4.34
C PHE C 154 15.66 7.11 -5.07
N ASP C 155 16.79 7.27 -4.39
CA ASP C 155 18.07 7.49 -5.05
C ASP C 155 18.65 6.10 -5.23
N TYR C 156 18.61 5.55 -6.45
CA TYR C 156 19.06 4.15 -6.62
C TYR C 156 20.55 3.88 -6.32
N THR C 157 21.38 4.91 -6.17
CA THR C 157 22.79 4.71 -5.80
C THR C 157 22.99 4.56 -4.29
N LYS C 158 21.95 4.82 -3.49
CA LYS C 158 22.02 4.70 -2.04
C LYS C 158 21.38 3.41 -1.50
N HIS C 159 21.24 2.38 -2.36
CA HIS C 159 20.70 1.08 -1.95
C HIS C 159 21.65 -0.01 -2.41
N PRO C 160 21.71 -1.15 -1.70
CA PRO C 160 22.51 -2.25 -2.30
C PRO C 160 21.90 -2.77 -3.63
N SER C 161 22.71 -3.49 -4.42
CA SER C 161 22.24 -4.04 -5.71
C SER C 161 21.26 -5.19 -5.43
N LYS C 162 21.66 -6.09 -4.53
CA LYS C 162 20.80 -7.17 -4.02
C LYS C 162 19.86 -6.68 -2.89
N PRO C 163 18.56 -6.96 -3.01
CA PRO C 163 17.63 -6.39 -2.02
C PRO C 163 17.74 -7.03 -0.65
N ASP C 164 17.40 -6.27 0.39
CA ASP C 164 17.41 -6.79 1.78
C ASP C 164 16.35 -7.91 1.87
N PRO C 165 16.75 -9.12 2.33
CA PRO C 165 15.76 -10.23 2.36
C PRO C 165 14.65 -10.06 3.39
N SER C 166 14.90 -9.20 4.40
CA SER C 166 13.87 -8.72 5.32
C SER C 166 12.59 -8.26 4.61
N GLY C 167 12.77 -7.68 3.42
CA GLY C 167 11.66 -7.16 2.64
C GLY C 167 11.28 -5.72 2.96
N GLU C 168 11.87 -5.11 3.99
CA GLU C 168 11.47 -3.74 4.37
C GLU C 168 11.80 -2.74 3.24
N CYS C 169 10.83 -1.88 2.94
CA CYS C 169 10.99 -0.80 2.01
C CYS C 169 11.56 0.41 2.79
N ASN C 170 12.73 0.88 2.40
CA ASN C 170 13.35 2.08 2.97
C ASN C 170 13.44 3.17 1.89
N PRO C 171 12.31 3.82 1.58
CA PRO C 171 12.42 4.91 0.60
C PRO C 171 13.20 6.13 1.11
N ASP C 172 13.83 6.85 0.20
CA ASP C 172 14.56 8.06 0.56
C ASP C 172 13.64 9.25 0.86
N LEU C 173 12.45 9.30 0.26
CA LEU C 173 11.35 10.15 0.73
C LEU C 173 10.00 9.43 0.63
N ARG C 174 9.08 9.76 1.54
CA ARG C 174 7.68 9.37 1.40
C ARG C 174 6.87 10.63 1.15
N LEU C 175 6.17 10.64 0.03
CA LEU C 175 5.38 11.81 -0.35
C LEU C 175 3.90 11.53 -0.07
N ARG C 176 3.36 12.27 0.90
CA ARG C 176 1.99 12.16 1.37
C ARG C 176 1.10 13.19 0.73
N GLY C 177 -0.17 12.86 0.61
CA GLY C 177 -1.16 13.78 0.09
C GLY C 177 -2.37 13.11 -0.49
N HIS C 178 -2.17 11.96 -1.13
CA HIS C 178 -3.27 11.23 -1.77
C HIS C 178 -4.05 10.39 -0.76
N GLN C 179 -5.28 10.01 -1.13
CA GLN C 179 -6.07 9.03 -0.39
C GLN C 179 -6.21 7.71 -1.14
N LYS C 180 -5.85 7.67 -2.41
CA LYS C 180 -5.91 6.46 -3.23
C LYS C 180 -4.70 6.41 -4.15
N GLU C 181 -4.46 5.23 -4.68
CA GLU C 181 -3.42 4.99 -5.66
C GLU C 181 -3.70 5.72 -6.98
N GLY C 182 -2.69 5.67 -7.83
CA GLY C 182 -2.76 6.21 -9.16
C GLY C 182 -1.63 5.81 -10.06
N TYR C 183 -1.56 6.52 -11.19
CA TYR C 183 -0.60 6.25 -12.24
C TYR C 183 0.19 7.48 -12.64
N GLY C 184 -0.48 8.57 -13.00
CA GLY C 184 0.19 9.79 -13.46
C GLY C 184 1.31 10.24 -12.56
N LEU C 185 2.47 10.50 -13.15
CA LEU C 185 3.67 10.93 -12.42
C LEU C 185 4.51 11.76 -13.37
N SER C 186 4.86 12.99 -13.00
CA SER C 186 5.67 13.85 -13.86
C SER C 186 6.62 14.76 -13.10
N TRP C 187 7.90 14.71 -13.46
CA TRP C 187 8.88 15.66 -12.89
C TRP C 187 8.97 16.91 -13.77
N ASN C 188 9.06 18.08 -13.13
CA ASN C 188 9.18 19.35 -13.85
C ASN C 188 10.59 19.46 -14.42
N PRO C 189 10.72 19.50 -15.77
CA PRO C 189 12.05 19.63 -16.37
C PRO C 189 12.71 21.01 -16.22
N ASN C 190 11.98 22.00 -15.71
CA ASN C 190 12.49 23.36 -15.54
C ASN C 190 12.56 23.85 -14.12
N LEU C 191 12.08 23.07 -13.17
CA LEU C 191 12.20 23.37 -11.75
C LEU C 191 12.51 22.05 -11.06
N SER C 192 13.78 21.86 -10.71
CA SER C 192 14.21 20.61 -10.07
C SER C 192 13.40 20.29 -8.82
N GLY C 193 12.92 19.05 -8.77
CA GLY C 193 12.25 18.52 -7.58
C GLY C 193 10.77 18.81 -7.46
N HIS C 194 10.14 19.44 -8.44
CA HIS C 194 8.70 19.68 -8.42
C HIS C 194 8.08 18.49 -9.15
N LEU C 195 7.35 17.67 -8.38
CA LEU C 195 6.79 16.42 -8.86
C LEU C 195 5.28 16.52 -8.81
N LEU C 196 4.62 16.13 -9.92
CA LEU C 196 3.17 16.04 -9.98
C LEU C 196 2.75 14.62 -10.00
N SER C 197 1.57 14.36 -9.43
CA SER C 197 1.03 13.02 -9.35
C SER C 197 -0.48 13.03 -9.45
N ALA C 198 -1.03 12.09 -10.21
CA ALA C 198 -2.47 11.94 -10.39
C ALA C 198 -2.97 10.67 -9.72
N SER C 199 -4.19 10.72 -9.16
CA SER C 199 -4.75 9.61 -8.37
C SER C 199 -6.19 9.32 -8.66
N ASP C 200 -6.61 8.11 -8.28
CA ASP C 200 -8.01 7.70 -8.28
C ASP C 200 -8.88 8.44 -7.27
N ASP C 201 -8.26 9.16 -6.32
CA ASP C 201 -9.00 10.06 -5.39
C ASP C 201 -9.50 11.39 -6.00
N HIS C 202 -9.36 11.55 -7.32
CA HIS C 202 -9.87 12.72 -8.06
C HIS C 202 -8.93 13.94 -7.99
N THR C 203 -7.74 13.77 -7.40
CA THR C 203 -6.88 14.92 -7.14
C THR C 203 -5.54 14.75 -7.84
N ILE C 204 -4.88 15.90 -8.05
CA ILE C 204 -3.48 15.97 -8.47
C ILE C 204 -2.69 16.59 -7.31
N CYS C 205 -1.62 15.92 -6.89
CA CYS C 205 -0.73 16.45 -5.81
C CYS C 205 0.56 17.01 -6.40
N LEU C 206 1.02 18.12 -5.83
CA LEU C 206 2.34 18.72 -6.14
C LEU C 206 3.22 18.65 -4.90
N TRP C 207 4.42 18.10 -5.04
CA TRP C 207 5.46 18.26 -4.03
C TRP C 207 6.69 18.99 -4.60
N ASP C 208 7.31 19.79 -3.74
CA ASP C 208 8.59 20.43 -3.97
C ASP C 208 9.58 19.81 -2.98
N ILE C 209 10.36 18.85 -3.46
CA ILE C 209 11.35 18.14 -2.61
C ILE C 209 12.77 18.73 -2.71
N SER C 210 12.92 19.77 -3.52
CA SER C 210 14.24 20.36 -3.82
C SER C 210 15.05 20.82 -2.64
N ALA C 211 14.44 21.50 -1.66
CA ALA C 211 15.12 21.87 -0.39
C ALA C 211 15.17 20.75 0.64
N VAL C 212 14.45 19.65 0.43
CA VAL C 212 14.37 18.57 1.45
C VAL C 212 15.49 17.55 1.28
N PRO C 213 16.34 17.38 2.30
CA PRO C 213 17.38 16.33 2.18
C PRO C 213 16.72 14.94 2.14
N LYS C 214 17.33 14.03 1.38
CA LYS C 214 16.74 12.72 1.05
C LYS C 214 17.28 11.61 1.96
N GLU C 215 16.92 11.68 3.25
CA GLU C 215 17.29 10.66 4.27
C GLU C 215 16.05 10.07 4.99
N GLY C 216 14.96 9.83 4.25
CA GLY C 216 13.81 9.07 4.79
C GLY C 216 12.59 9.84 5.23
N LYS C 217 12.62 11.17 5.16
CA LYS C 217 11.56 12.03 5.68
C LYS C 217 10.22 11.86 4.96
N VAL C 218 9.19 12.42 5.57
CA VAL C 218 7.84 12.39 5.05
C VAL C 218 7.48 13.83 4.66
N VAL C 219 7.13 14.03 3.41
CA VAL C 219 6.82 15.35 2.87
C VAL C 219 5.34 15.35 2.49
N ASP C 220 4.59 16.29 3.05
CA ASP C 220 3.24 16.58 2.61
C ASP C 220 3.21 17.41 1.34
N ALA C 221 2.10 17.30 0.62
CA ALA C 221 1.94 17.96 -0.66
C ALA C 221 1.90 19.46 -0.45
N LYS C 222 2.66 20.17 -1.29
CA LYS C 222 2.60 21.63 -1.32
C LYS C 222 1.22 22.11 -1.74
N THR C 223 0.68 21.51 -2.79
CA THR C 223 -0.58 21.96 -3.41
C THR C 223 -1.34 20.77 -3.92
N ILE C 224 -2.65 20.78 -3.73
CA ILE C 224 -3.56 19.75 -4.26
C ILE C 224 -4.56 20.41 -5.21
N PHE C 225 -4.67 19.88 -6.43
CA PHE C 225 -5.54 20.45 -7.44
C PHE C 225 -6.74 19.53 -7.58
N THR C 226 -7.93 20.13 -7.44
CA THR C 226 -9.18 19.37 -7.24
C THR C 226 -10.20 19.61 -8.35
N GLY C 227 -9.73 20.00 -9.53
CA GLY C 227 -10.65 20.37 -10.62
C GLY C 227 -11.42 19.23 -11.24
N HIS C 228 -10.81 18.06 -11.32
CA HIS C 228 -11.47 16.90 -11.87
C HIS C 228 -12.53 16.38 -10.86
N THR C 229 -13.55 15.72 -11.41
CA THR C 229 -14.65 15.14 -10.64
C THR C 229 -14.61 13.61 -10.69
N ALA C 230 -13.50 13.03 -11.13
CA ALA C 230 -13.37 11.60 -11.36
C ALA C 230 -11.91 11.21 -11.32
N VAL C 231 -11.64 9.91 -11.39
CA VAL C 231 -10.29 9.37 -11.37
C VAL C 231 -9.40 10.18 -12.33
N VAL C 232 -8.29 10.73 -11.83
CA VAL C 232 -7.33 11.45 -12.66
C VAL C 232 -6.28 10.44 -13.12
N GLU C 233 -6.23 10.17 -14.42
CA GLU C 233 -5.39 9.11 -14.99
C GLU C 233 -3.94 9.53 -15.24
N ASP C 234 -3.73 10.80 -15.60
CA ASP C 234 -2.41 11.23 -16.00
C ASP C 234 -2.21 12.72 -15.80
N VAL C 235 -0.93 13.07 -15.68
CA VAL C 235 -0.51 14.44 -15.46
C VAL C 235 0.84 14.63 -16.10
N SER C 236 1.07 15.81 -16.66
CA SER C 236 2.36 16.08 -17.30
C SER C 236 2.68 17.54 -17.30
N TRP C 237 3.91 17.87 -16.91
CA TRP C 237 4.38 19.26 -17.02
C TRP C 237 4.57 19.65 -18.49
N HIS C 238 4.35 20.92 -18.82
CA HIS C 238 4.87 21.50 -20.10
C HIS C 238 6.41 21.43 -20.05
N LEU C 239 6.99 21.22 -21.23
CA LEU C 239 8.45 21.04 -21.34
C LEU C 239 9.21 22.35 -21.34
N LEU C 240 8.55 23.46 -21.67
CA LEU C 240 9.18 24.79 -21.66
C LEU C 240 8.72 25.74 -20.56
N HIS C 241 7.45 25.73 -20.22
CA HIS C 241 6.92 26.78 -19.34
C HIS C 241 6.74 26.14 -17.96
N GLU C 242 7.63 26.53 -17.05
CA GLU C 242 7.74 25.92 -15.73
C GLU C 242 6.45 25.93 -14.87
N SER C 243 5.51 26.81 -15.20
CA SER C 243 4.22 26.91 -14.52
C SER C 243 3.06 26.10 -15.10
N LEU C 244 3.18 25.59 -16.32
CA LEU C 244 2.07 24.95 -17.01
C LEU C 244 2.14 23.44 -16.92
N PHE C 245 0.99 22.82 -16.62
CA PHE C 245 0.82 21.38 -16.74
C PHE C 245 -0.56 20.99 -17.21
N GLY C 246 -0.64 19.75 -17.66
CA GLY C 246 -1.88 19.18 -18.13
C GLY C 246 -2.25 17.97 -17.33
N SER C 247 -3.56 17.79 -17.17
CA SER C 247 -4.14 16.58 -16.60
C SER C 247 -5.28 16.09 -17.45
N VAL C 248 -5.48 14.76 -17.37
CA VAL C 248 -6.58 14.11 -18.04
C VAL C 248 -7.23 13.11 -17.08
N ALA C 249 -8.54 12.94 -17.23
CA ALA C 249 -9.33 12.15 -16.23
C ALA C 249 -10.47 11.38 -16.84
N ASP C 250 -11.09 10.54 -15.98
CA ASP C 250 -12.29 9.79 -16.37
C ASP C 250 -13.53 10.64 -16.58
N ASP C 251 -13.50 11.89 -16.12
CA ASP C 251 -14.56 12.87 -16.51
C ASP C 251 -14.50 13.33 -18.01
N GLN C 252 -13.61 12.72 -18.80
CA GLN C 252 -13.50 12.98 -20.25
C GLN C 252 -12.76 14.30 -20.58
N LYS C 253 -12.15 14.92 -19.56
CA LYS C 253 -11.61 16.25 -19.69
C LYS C 253 -10.10 16.27 -19.77
N LEU C 254 -9.61 17.13 -20.66
CA LEU C 254 -8.23 17.65 -20.62
C LEU C 254 -8.27 18.99 -19.92
N MET C 255 -7.47 19.11 -18.86
CA MET C 255 -7.35 20.37 -18.13
C MET C 255 -5.90 20.93 -18.18
N ILE C 256 -5.78 22.23 -18.39
CA ILE C 256 -4.50 22.94 -18.43
C ILE C 256 -4.40 23.83 -17.20
N TRP C 257 -3.35 23.59 -16.40
CA TRP C 257 -3.17 24.26 -15.14
C TRP C 257 -1.97 25.21 -15.18
N ASP C 258 -2.05 26.26 -14.37
CA ASP C 258 -0.97 27.21 -14.17
C ASP C 258 -0.72 27.33 -12.67
N THR C 259 0.50 26.98 -12.23
CA THR C 259 0.83 27.03 -10.78
C THR C 259 0.80 28.44 -10.18
N ARG C 260 0.84 29.49 -11.00
CA ARG C 260 0.73 30.88 -10.50
C ARG C 260 -0.70 31.30 -10.13
N SER C 261 -1.71 30.50 -10.51
CA SER C 261 -3.08 30.79 -10.18
C SER C 261 -3.35 30.47 -8.70
N ASN C 262 -4.03 31.38 -8.00
CA ASN C 262 -4.49 31.11 -6.63
C ASN C 262 -5.62 30.09 -6.49
N ASN C 263 -6.34 29.79 -7.57
CA ASN C 263 -7.49 28.87 -7.54
C ASN C 263 -7.09 27.46 -7.97
N THR C 264 -6.92 26.58 -6.99
CA THR C 264 -6.56 25.19 -7.24
C THR C 264 -7.75 24.26 -7.48
N SER C 265 -8.98 24.77 -7.44
CA SER C 265 -10.15 23.98 -7.82
C SER C 265 -10.59 24.20 -9.28
N LYS C 266 -10.02 25.17 -9.99
CA LYS C 266 -10.47 25.52 -11.36
C LYS C 266 -9.23 25.72 -12.26
N PRO C 267 -9.10 24.94 -13.35
CA PRO C 267 -7.93 25.06 -14.22
C PRO C 267 -7.99 26.34 -15.10
N SER C 268 -6.91 26.66 -15.81
CA SER C 268 -6.93 27.77 -16.79
C SER C 268 -7.86 27.45 -17.96
N HIS C 269 -7.77 26.21 -18.43
CA HIS C 269 -8.59 25.73 -19.53
C HIS C 269 -9.11 24.33 -19.23
N SER C 270 -10.32 24.07 -19.68
CA SER C 270 -11.00 22.80 -19.50
C SER C 270 -11.64 22.40 -20.81
N VAL C 271 -11.25 21.25 -21.31
CA VAL C 271 -11.60 20.79 -22.63
C VAL C 271 -12.33 19.46 -22.50
N ASP C 272 -13.51 19.39 -23.13
CA ASP C 272 -14.22 18.13 -23.31
C ASP C 272 -13.55 17.42 -24.48
N ALA C 273 -12.63 16.50 -24.16
CA ALA C 273 -11.62 16.02 -25.11
C ALA C 273 -12.00 14.78 -25.89
N HIS C 274 -12.80 13.92 -25.27
CA HIS C 274 -13.08 12.59 -25.79
C HIS C 274 -14.48 12.17 -25.33
N THR C 275 -14.97 11.07 -25.89
CA THR C 275 -16.27 10.52 -25.57
C THR C 275 -16.19 9.38 -24.53
N ALA C 276 -15.02 9.23 -23.90
CA ALA C 276 -14.87 8.31 -22.77
C ALA C 276 -13.63 8.75 -22.00
N GLU C 277 -13.17 7.88 -21.10
CA GLU C 277 -12.07 8.18 -20.20
C GLU C 277 -10.83 8.60 -20.99
N VAL C 278 -10.11 9.58 -20.43
CA VAL C 278 -8.83 10.03 -20.99
C VAL C 278 -7.73 9.55 -20.08
N ASN C 279 -6.92 8.65 -20.60
CA ASN C 279 -5.94 7.88 -19.84
C ASN C 279 -4.52 8.42 -19.86
N CYS C 280 -4.19 9.24 -20.86
CA CYS C 280 -2.81 9.71 -21.06
C CYS C 280 -2.74 11.01 -21.83
N LEU C 281 -1.70 11.78 -21.56
CA LEU C 281 -1.34 12.96 -22.37
C LEU C 281 0.14 13.05 -22.51
N SER C 282 0.56 13.80 -23.52
CA SER C 282 1.98 14.01 -23.77
C SER C 282 2.20 15.31 -24.56
N PHE C 283 3.05 16.21 -24.04
CA PHE C 283 3.41 17.45 -24.71
C PHE C 283 4.49 17.21 -25.74
N ASN C 284 4.34 17.82 -26.92
CA ASN C 284 5.30 17.67 -28.02
C ASN C 284 6.62 18.38 -27.62
N PRO C 285 7.76 17.66 -27.61
CA PRO C 285 9.00 18.31 -27.13
C PRO C 285 9.63 19.35 -28.05
N TYR C 286 9.20 19.42 -29.32
CA TYR C 286 9.63 20.44 -30.28
C TYR C 286 8.64 21.54 -30.60
N SER C 287 7.38 21.32 -30.29
CA SER C 287 6.32 22.25 -30.66
C SER C 287 5.56 22.69 -29.42
N GLU C 288 5.93 23.84 -28.89
CA GLU C 288 5.41 24.28 -27.58
C GLU C 288 3.87 24.44 -27.42
N PHE C 289 3.11 24.48 -28.52
CA PHE C 289 1.64 24.61 -28.46
C PHE C 289 0.91 23.27 -28.64
N ILE C 290 1.65 22.19 -28.90
CA ILE C 290 1.02 20.97 -29.38
C ILE C 290 1.08 19.89 -28.27
N LEU C 291 -0.01 19.15 -28.13
CA LEU C 291 -0.08 17.99 -27.26
C LEU C 291 -1.03 16.97 -27.78
N ALA C 292 -0.94 15.77 -27.20
CA ALA C 292 -1.74 14.64 -27.62
C ALA C 292 -2.40 13.99 -26.42
N THR C 293 -3.62 13.46 -26.59
CA THR C 293 -4.29 12.70 -25.50
C THR C 293 -4.80 11.37 -26.01
N GLY C 294 -4.76 10.36 -25.16
CA GLY C 294 -5.19 9.02 -25.54
C GLY C 294 -6.36 8.57 -24.64
N SER C 295 -7.29 7.81 -25.21
CA SER C 295 -8.58 7.63 -24.57
C SER C 295 -9.18 6.22 -24.72
N ALA C 296 -10.08 5.92 -23.79
CA ALA C 296 -10.88 4.72 -23.90
C ALA C 296 -11.80 4.74 -25.13
N ASP C 297 -12.00 5.90 -25.76
CA ASP C 297 -12.76 5.95 -27.03
C ASP C 297 -11.98 5.40 -28.24
N LYS C 298 -10.73 4.97 -28.03
CA LYS C 298 -9.88 4.30 -29.02
C LYS C 298 -9.15 5.28 -29.96
N THR C 299 -9.10 6.55 -29.57
CA THR C 299 -8.50 7.57 -30.39
C THR C 299 -7.41 8.30 -29.62
N VAL C 300 -6.45 8.83 -30.37
CA VAL C 300 -5.56 9.85 -29.87
C VAL C 300 -6.06 11.20 -30.46
N ALA C 301 -6.24 12.19 -29.59
CA ALA C 301 -6.57 13.56 -30.02
C ALA C 301 -5.33 14.45 -30.05
N LEU C 302 -5.24 15.31 -31.07
CA LEU C 302 -4.16 16.29 -31.22
C LEU C 302 -4.72 17.68 -30.87
N TRP C 303 -4.01 18.41 -30.01
CA TRP C 303 -4.48 19.67 -29.44
C TRP C 303 -3.46 20.79 -29.70
N ASP C 304 -4.00 21.99 -29.87
CA ASP C 304 -3.26 23.24 -29.90
C ASP C 304 -3.68 24.09 -28.71
N LEU C 305 -2.76 24.34 -27.78
CA LEU C 305 -3.03 25.15 -26.58
C LEU C 305 -3.60 26.53 -26.87
N ARG C 306 -3.34 27.08 -28.05
CA ARG C 306 -3.82 28.43 -28.41
C ARG C 306 -5.30 28.43 -28.80
N ASN C 307 -5.82 27.28 -29.18
CA ASN C 307 -7.25 27.15 -29.43
C ASN C 307 -7.78 25.76 -29.08
N LEU C 308 -8.01 25.54 -27.79
CA LEU C 308 -8.49 24.24 -27.30
C LEU C 308 -9.98 23.89 -27.58
N LYS C 309 -10.76 24.83 -28.11
CA LYS C 309 -12.13 24.53 -28.56
C LYS C 309 -12.14 23.61 -29.78
N LEU C 310 -11.07 23.60 -30.57
CA LEU C 310 -11.05 22.88 -31.87
C LEU C 310 -10.00 21.79 -31.84
N LYS C 311 -10.42 20.54 -31.67
CA LYS C 311 -9.54 19.40 -31.79
C LYS C 311 -8.88 19.45 -33.16
N LEU C 312 -7.54 19.37 -33.25
CA LEU C 312 -6.85 19.46 -34.56
C LEU C 312 -7.00 18.23 -35.44
N HIS C 313 -6.92 17.04 -34.83
CA HIS C 313 -6.99 15.77 -35.54
C HIS C 313 -7.33 14.66 -34.56
N SER C 314 -7.88 13.57 -35.10
CA SER C 314 -8.20 12.37 -34.34
C SER C 314 -7.51 11.23 -35.06
N PHE C 315 -6.55 10.60 -34.36
CA PHE C 315 -5.82 9.48 -34.91
C PHE C 315 -6.63 8.23 -34.59
N GLU C 316 -7.05 7.51 -35.63
CA GLU C 316 -7.97 6.36 -35.52
C GLU C 316 -7.37 5.09 -36.16
N SER C 317 -7.43 4.00 -35.41
CA SER C 317 -6.95 2.65 -35.82
C SER C 317 -6.91 1.70 -34.64
N HIS C 318 -6.63 2.18 -33.43
CA HIS C 318 -6.72 1.30 -32.28
C HIS C 318 -8.12 0.67 -32.18
N LYS C 319 -8.14 -0.61 -31.78
CA LYS C 319 -9.35 -1.38 -31.62
C LYS C 319 -9.79 -1.51 -30.16
N ASP C 320 -9.15 -0.80 -29.25
CA ASP C 320 -9.53 -0.85 -27.83
C ASP C 320 -8.92 0.34 -27.08
N GLU C 321 -9.17 0.39 -25.79
CA GLU C 321 -8.73 1.47 -24.91
C GLU C 321 -7.18 1.79 -24.97
N ILE C 322 -6.86 3.08 -25.09
CA ILE C 322 -5.49 3.54 -25.15
C ILE C 322 -5.06 4.04 -23.78
N PHE C 323 -3.90 3.57 -23.34
CA PHE C 323 -3.39 3.87 -22.01
C PHE C 323 -2.08 4.65 -22.03
N GLN C 324 -1.32 4.58 -23.12
CA GLN C 324 -0.12 5.40 -23.23
C GLN C 324 0.05 6.07 -24.61
N VAL C 325 0.56 7.29 -24.57
N VAL C 325 0.55 7.31 -24.59
CA VAL C 325 0.95 8.05 -25.75
CA VAL C 325 0.90 8.09 -25.79
C VAL C 325 2.24 8.79 -25.46
C VAL C 325 2.20 8.86 -25.52
N GLN C 326 3.17 8.78 -26.40
CA GLN C 326 4.45 9.47 -26.25
C GLN C 326 4.96 9.97 -27.58
N TRP C 327 5.41 11.21 -27.61
CA TRP C 327 6.09 11.78 -28.78
C TRP C 327 7.49 11.24 -28.92
N SER C 328 7.96 11.12 -30.16
CA SER C 328 9.36 10.83 -30.43
C SER C 328 10.26 11.89 -29.79
N PRO C 329 11.34 11.48 -29.13
CA PRO C 329 12.34 12.47 -28.68
C PRO C 329 13.19 13.05 -29.81
N HIS C 330 13.17 12.43 -30.99
CA HIS C 330 14.02 12.81 -32.10
C HIS C 330 13.30 13.48 -33.28
N ASN C 331 11.99 13.28 -33.42
CA ASN C 331 11.24 13.67 -34.61
C ASN C 331 9.93 14.33 -34.21
N GLU C 332 9.84 15.64 -34.47
CA GLU C 332 8.68 16.47 -34.08
C GLU C 332 7.33 16.01 -34.56
N THR C 333 7.26 15.32 -35.70
CA THR C 333 5.98 14.88 -36.26
C THR C 333 5.58 13.46 -35.91
N ILE C 334 6.39 12.78 -35.07
CA ILE C 334 6.21 11.37 -34.80
C ILE C 334 5.72 11.18 -33.37
N LEU C 335 4.66 10.38 -33.22
CA LEU C 335 4.19 10.01 -31.88
C LEU C 335 3.72 8.60 -31.88
N ALA C 336 3.59 8.06 -30.69
CA ALA C 336 3.22 6.64 -30.56
C ALA C 336 2.17 6.42 -29.50
N SER C 337 1.40 5.35 -29.67
CA SER C 337 0.31 5.04 -28.75
C SER C 337 0.19 3.54 -28.53
N SER C 338 -0.25 3.16 -27.35
CA SER C 338 -0.47 1.75 -26.99
C SER C 338 -1.62 1.56 -26.03
N GLY C 339 -2.11 0.33 -25.93
CA GLY C 339 -3.06 0.00 -24.86
C GLY C 339 -3.59 -1.41 -24.88
N THR C 340 -4.89 -1.55 -24.58
CA THR C 340 -5.54 -2.85 -24.40
C THR C 340 -5.62 -3.69 -25.70
N ASP C 341 -5.68 -3.08 -26.89
CA ASP C 341 -5.66 -3.89 -28.14
C ASP C 341 -4.33 -4.61 -28.46
N ARG C 342 -3.31 -4.50 -27.59
CA ARG C 342 -2.02 -5.24 -27.73
C ARG C 342 -1.15 -4.76 -28.92
N ARG C 343 -1.41 -3.51 -29.34
CA ARG C 343 -0.74 -2.91 -30.50
C ARG C 343 -0.05 -1.66 -30.01
N LEU C 344 1.10 -1.38 -30.59
CA LEU C 344 1.72 -0.09 -30.40
C LEU C 344 1.70 0.55 -31.78
N ASN C 345 0.98 1.66 -31.90
CA ASN C 345 0.87 2.40 -33.15
C ASN C 345 1.85 3.58 -33.15
N VAL C 346 2.55 3.76 -34.27
CA VAL C 346 3.40 4.92 -34.51
C VAL C 346 2.77 5.80 -35.60
N TRP C 347 2.59 7.07 -35.31
CA TRP C 347 1.94 8.01 -36.21
C TRP C 347 2.93 9.09 -36.71
N ASP C 348 2.71 9.53 -37.95
CA ASP C 348 3.44 10.62 -38.55
C ASP C 348 2.44 11.72 -39.00
N LEU C 349 2.35 12.79 -38.24
CA LEU C 349 1.36 13.83 -38.52
C LEU C 349 1.60 14.66 -39.79
N SER C 350 2.83 14.61 -40.31
CA SER C 350 3.13 15.22 -41.60
C SER C 350 2.44 14.48 -42.77
N LYS C 351 1.99 13.25 -42.54
CA LYS C 351 1.27 12.47 -43.55
C LYS C 351 -0.28 12.63 -43.51
N ILE C 352 -0.81 13.46 -42.60
CA ILE C 352 -2.25 13.76 -42.57
C ILE C 352 -2.69 14.38 -43.90
N GLY C 353 -3.65 13.76 -44.57
CA GLY C 353 -4.22 14.29 -45.82
C GLY C 353 -3.73 13.65 -47.11
N GLU C 354 -2.56 13.01 -47.09
CA GLU C 354 -1.97 12.44 -48.30
C GLU C 354 -2.86 11.34 -48.92
N GLU C 355 -2.82 11.21 -50.24
CA GLU C 355 -3.60 10.19 -50.98
C GLU C 355 -2.98 8.79 -50.82
N GLN C 356 -3.75 7.74 -51.18
CA GLN C 356 -3.31 6.31 -51.05
C GLN C 356 -4.16 5.29 -51.85
N SER C 357 -3.60 4.10 -52.07
CA SER C 357 -4.29 2.99 -52.74
C SER C 357 -5.32 2.32 -51.84
N GLU C 362 -6.26 2.31 -47.96
CA GLU C 362 -5.67 0.97 -47.96
C GLU C 362 -5.92 0.29 -46.59
N ASP C 363 -4.86 -0.11 -45.85
CA ASP C 363 -4.97 -0.83 -44.56
C ASP C 363 -4.84 0.08 -43.32
N GLY C 364 -5.40 1.29 -43.43
CA GLY C 364 -5.29 2.33 -42.39
C GLY C 364 -5.11 3.70 -43.01
N PRO C 365 -5.24 4.77 -42.19
CA PRO C 365 -5.09 6.13 -42.72
C PRO C 365 -3.63 6.45 -43.05
N PRO C 366 -3.38 7.51 -43.84
CA PRO C 366 -2.02 7.77 -44.27
C PRO C 366 -1.03 8.10 -43.13
N GLU C 367 -1.52 8.77 -42.09
CA GLU C 367 -0.72 9.12 -40.91
C GLU C 367 -0.34 7.97 -39.95
N LEU C 368 -0.80 6.74 -40.23
CA LEU C 368 -0.38 5.58 -39.47
C LEU C 368 0.88 5.05 -40.13
N LEU C 369 2.02 5.25 -39.49
CA LEU C 369 3.32 4.88 -40.06
C LEU C 369 3.62 3.39 -39.87
N PHE C 370 3.38 2.89 -38.67
CA PHE C 370 3.73 1.53 -38.31
C PHE C 370 2.80 0.99 -37.23
N ILE C 371 2.46 -0.29 -37.33
CA ILE C 371 1.77 -1.01 -36.25
C ILE C 371 2.70 -2.09 -35.72
N HIS C 372 3.06 -1.98 -34.44
CA HIS C 372 3.86 -3.00 -33.78
C HIS C 372 2.95 -4.08 -33.18
N GLY C 373 3.04 -5.29 -33.71
CA GLY C 373 2.18 -6.41 -33.28
C GLY C 373 2.92 -7.52 -32.53
N GLY C 374 4.05 -7.19 -31.89
CA GLY C 374 4.89 -8.18 -31.24
C GLY C 374 4.36 -8.65 -29.89
N HIS C 375 3.49 -7.87 -29.25
CA HIS C 375 2.92 -8.24 -27.97
C HIS C 375 1.64 -9.05 -28.15
N THR C 376 1.50 -10.07 -27.30
CA THR C 376 0.34 -10.94 -27.25
C THR C 376 -0.52 -10.70 -26.02
N ALA C 377 -0.27 -9.60 -25.31
CA ALA C 377 -1.11 -9.20 -24.17
C ALA C 377 -1.20 -7.70 -24.14
N LYS C 378 -2.00 -7.18 -23.21
CA LYS C 378 -2.19 -5.75 -23.05
C LYS C 378 -0.85 -5.08 -22.79
N ILE C 379 -0.58 -3.97 -23.49
CA ILE C 379 0.67 -3.22 -23.29
C ILE C 379 0.42 -2.23 -22.13
N SER C 380 1.29 -2.24 -21.14
CA SER C 380 1.14 -1.39 -19.94
C SER C 380 1.94 -0.10 -20.03
N ASP C 381 3.07 -0.11 -20.73
CA ASP C 381 3.87 1.11 -20.90
C ASP C 381 4.89 0.93 -22.00
N PHE C 382 5.41 2.05 -22.49
CA PHE C 382 6.54 2.01 -23.43
C PHE C 382 7.36 3.30 -23.38
N SER C 383 8.58 3.24 -23.88
CA SER C 383 9.51 4.36 -23.79
C SER C 383 10.35 4.43 -25.06
N TRP C 384 10.40 5.61 -25.66
CA TRP C 384 11.29 5.85 -26.79
C TRP C 384 12.72 6.01 -26.25
N ASN C 385 13.67 5.30 -26.82
CA ASN C 385 15.08 5.42 -26.43
C ASN C 385 15.63 6.80 -26.84
N PRO C 386 16.12 7.61 -25.85
CA PRO C 386 16.54 8.96 -26.14
C PRO C 386 17.89 9.11 -26.88
N ASN C 387 18.64 8.01 -27.02
CA ASN C 387 19.96 8.02 -27.64
C ASN C 387 20.04 7.28 -28.96
N GLU C 388 19.08 6.41 -29.27
CA GLU C 388 19.08 5.65 -30.54
C GLU C 388 17.75 5.91 -31.21
N PRO C 389 17.74 6.78 -32.24
CA PRO C 389 16.47 7.11 -32.89
C PRO C 389 15.70 5.87 -33.28
N TRP C 390 14.40 5.87 -32.99
CA TRP C 390 13.45 4.82 -33.42
C TRP C 390 13.44 3.51 -32.57
N VAL C 391 14.32 3.39 -31.59
CA VAL C 391 14.30 2.26 -30.70
C VAL C 391 13.26 2.50 -29.63
N ILE C 392 12.37 1.54 -29.45
CA ILE C 392 11.33 1.59 -28.43
C ILE C 392 11.49 0.34 -27.55
N CYS C 393 11.24 0.52 -26.25
CA CYS C 393 11.01 -0.57 -25.32
C CYS C 393 9.54 -0.57 -24.93
N SER C 394 8.88 -1.73 -25.00
CA SER C 394 7.46 -1.86 -24.62
C SER C 394 7.26 -3.08 -23.70
N VAL C 395 6.42 -2.93 -22.67
CA VAL C 395 6.18 -3.98 -21.68
C VAL C 395 4.69 -4.34 -21.60
N SER C 396 4.40 -5.64 -21.53
CA SER C 396 3.02 -6.14 -21.45
C SER C 396 2.74 -7.04 -20.22
N GLU C 397 1.45 -7.28 -19.99
CA GLU C 397 0.94 -7.98 -18.80
C GLU C 397 1.33 -9.44 -18.65
N ASP C 398 1.69 -10.07 -19.76
CA ASP C 398 2.18 -11.44 -19.79
C ASP C 398 3.71 -11.56 -19.54
N ASN C 399 4.31 -10.56 -18.88
CA ASN C 399 5.74 -10.54 -18.49
C ASN C 399 6.74 -10.19 -19.63
N ILE C 400 6.25 -9.95 -20.84
CA ILE C 400 7.12 -9.69 -21.98
C ILE C 400 7.59 -8.24 -21.98
N MET C 401 8.90 -8.08 -22.19
CA MET C 401 9.55 -6.81 -22.56
C MET C 401 10.15 -7.01 -23.94
N GLN C 402 9.88 -6.07 -24.84
CA GLN C 402 10.49 -6.03 -26.18
C GLN C 402 11.25 -4.72 -26.41
N VAL C 403 12.45 -4.80 -26.98
CA VAL C 403 13.23 -3.64 -27.44
C VAL C 403 13.34 -3.79 -28.93
N TRP C 404 12.85 -2.79 -29.66
CA TRP C 404 12.68 -2.96 -31.10
C TRP C 404 12.76 -1.67 -31.89
N GLN C 405 13.02 -1.82 -33.18
CA GLN C 405 13.20 -0.71 -34.09
C GLN C 405 12.64 -1.09 -35.44
N MET C 406 11.68 -0.30 -35.94
CA MET C 406 11.11 -0.53 -37.28
C MET C 406 12.17 -0.36 -38.36
N ALA C 407 11.93 -0.93 -39.53
CA ALA C 407 12.89 -0.89 -40.63
C ALA C 407 13.09 0.55 -41.11
N GLU C 408 14.34 0.89 -41.45
CA GLU C 408 14.68 2.24 -41.92
C GLU C 408 13.84 2.68 -43.12
N ASN C 409 13.60 1.76 -44.06
CA ASN C 409 12.81 2.06 -45.27
C ASN C 409 11.36 2.52 -45.01
N ILE C 410 10.80 2.15 -43.85
CA ILE C 410 9.42 2.52 -43.50
C ILE C 410 9.28 4.01 -43.17
N TYR C 411 10.28 4.63 -42.54
CA TYR C 411 10.32 6.09 -42.31
C TYR C 411 11.28 6.89 -43.24
N ASN C 412 12.24 6.22 -43.91
CA ASN C 412 13.07 6.86 -44.94
C ASN C 412 12.79 6.24 -46.31
N MET D 1 -10.78 4.19 -15.38
CA MET D 1 -9.94 3.57 -14.29
C MET D 1 -9.34 2.21 -14.73
N ARG D 2 -8.02 2.06 -14.55
CA ARG D 2 -7.31 0.78 -14.78
C ARG D 2 -7.80 -0.33 -13.85
N SER D 3 -7.83 -1.54 -14.39
CA SER D 3 -7.93 -2.79 -13.63
C SER D 3 -6.61 -3.51 -13.79
N LYS D 4 -5.87 -3.62 -12.68
CA LYS D 4 -4.60 -4.38 -12.69
C LYS D 4 -4.85 -5.88 -12.90
N GLY D 5 -4.19 -6.46 -13.91
CA GLY D 5 -4.36 -7.86 -14.25
C GLY D 5 -3.92 -8.87 -13.19
N ARG D 6 -4.19 -10.14 -13.47
CA ARG D 6 -3.78 -11.24 -12.60
C ARG D 6 -2.29 -11.40 -12.85
N ALA D 7 -1.47 -11.04 -11.86
CA ALA D 7 -0.03 -11.14 -12.06
C ALA D 7 0.43 -12.57 -11.80
N ARG D 8 1.03 -13.21 -12.80
CA ARG D 8 1.63 -14.55 -12.64
C ARG D 8 3.17 -14.58 -12.82
N LYS D 9 3.82 -15.41 -11.99
CA LYS D 9 5.29 -15.53 -11.91
C LYS D 9 5.88 -16.35 -13.06
N LEU D 10 7.13 -16.04 -13.40
CA LEU D 10 7.94 -16.79 -14.38
C LEU D 10 7.41 -16.66 -15.78
UNK UNX E . -8.98 -5.96 25.86
UNK UNX F . 2.17 -17.88 38.49
UNK UNX G . 0.25 -14.79 38.64
UNK UNX H . -14.56 -13.34 27.86
UNK UNX I . -13.05 2.19 -16.89
UNK UNX J . -16.46 8.61 -14.45
UNK UNX K . 5.89 29.55 -17.13
UNK UNX L . -14.63 14.18 -28.56
UNK UNX M . -13.35 11.65 -29.61
UNK UNX N . -10.05 14.53 -37.28
UNK UNX O . -13.91 19.88 -28.18
UNK UNX P . -14.89 22.50 -23.26
#